data_7T6T
#
_entry.id   7T6T
#
loop_
_entity.id
_entity.type
_entity.pdbx_description
1 polymer 'Guanine nucleotide-binding protein G(i) subunit alpha-1'
2 polymer 'Guanine nucleotide-binding protein G(I)/G(S)/G(T) subunit beta-1'
3 polymer 'Guanine nucleotide-binding protein G(I)/G(S)/G(O) subunit gamma-2'
4 polymer 'Synthetic peptide'
5 polymer 'fMet-Leu-Phe receptor'
6 non-polymer 'PALMITIC ACID'
#
loop_
_entity_poly.entity_id
_entity_poly.type
_entity_poly.pdbx_seq_one_letter_code
_entity_poly.pdbx_strand_id
1 'polypeptide(L)'
;GCTLSAEDKAAVERSKMIDRNLREDGEKAAREVKLLLLGAGESGKSTIVKQMKIIHEAGYSEEECKQYKAVVYSNTIQSI
IAIIRAMGRLKIDFGDSARADDARQLFVLAGAAEEGFMTAELAGVIKRLWKDSGVQACFNRSREYQLNDSAAYYLNDLDR
IAQPNYIPTQQDVLRTRVKTTGIVETHFTFKDLHFKMFDVGAQRSERKKWIHCFEGVTAIIFCVALSDYDLVLAEDEEMN
RMHESMKLFDSICNNKWFTDTSIILFLNKKDLFEEKIKKSPLTICYPEYAGSNTYEEAAAYIQCQFEDLNKRKDTKEIYT
HFTCSTDTKNVQFVFDAVTDVIIKNNLKDCGLF
;
A
2 'polypeptide(L)'
;HHHHHHHHMGSLLQSELDELRQEAEQLKNQIRDARKACADATLSQITNNIDPVGRIQMRTRRTLRGHLAKIYAMHWGTDS
RLLVSASQDGKLIIWDSYTTNKVHAIPLRSSWVMTCAYAPSGNYVACGGLDNICSIYNLKTREGNVRVSRELAGHTGYLS
CCRFLDDNQIVTSSGDTTCALWDIETGQQTTTFTGHTGDVMSLSLAPDTRLFVSGACDASAKLWDVREGMCRQTFTGHES
DINAICFFPNGNAFATGSDDATCRLFDLRADQELMTYSHDNIICGITSVSFSKSGRLLLAGYDDFNCNVWDALKADRAGV
LAGHDNRVSCLGVTDDGMAVATGSWDSFLKIWN
;
B
3 'polypeptide(L)' ASNNTASIAQARKLVEQLKMEANIDRIKVSKAAADLMAYCEAHAKEDPLLTPVPASENPFREKKFFC C
4 'polypeptide(L)' (FME)LFII L
5 'polypeptide(L)'
;DYKDDDDVDGSAENLYFQGASMETNSSLPTNISGGTPAVSAGYLFLDIITYLVFAVTFVLGVLGNGLVIWVAGFRMTHTV
TTISYLNLAVADFCFTSTLPFFMVRKAMGGHWPFGWFLCKFVFTIVDINLFGSVFLIALIALDRCVCVLHPVWTQNHRTV
SLAKKVIIGPWVMALLLTLPVIIRVTTVPGKTGTVACTFNFSPWTNDPKERINVAVAMLTVRGIIRFIIGFSAPMSIVAV
SYGLIATKIHKQGLIKSSRPLRVLSFVAAAFFLCWSPYQVVALIATVRIRELLQGMYKEIGIAVDVTSALAFFNSCLNPM
LYVFMGQDFRERLIHALPASLERALTEDSTQTSD
;
R
#
loop_
_chem_comp.id
_chem_comp.type
_chem_comp.name
_chem_comp.formula
PLM non-polymer 'PALMITIC ACID' 'C16 H32 O2'
#
# COMPACT_ATOMS: atom_id res chain seq x y z
N LEU A 4 -17.15 27.47 -16.20
CA LEU A 4 -16.46 26.99 -14.98
C LEU A 4 -14.96 26.84 -15.29
N SER A 5 -14.65 26.15 -16.39
CA SER A 5 -13.24 25.98 -16.79
C SER A 5 -13.06 26.56 -18.19
N ALA A 6 -12.09 27.45 -18.40
CA ALA A 6 -11.98 28.13 -19.71
C ALA A 6 -10.69 27.78 -20.45
N GLU A 7 -9.55 28.01 -19.82
CA GLU A 7 -8.23 27.75 -20.46
C GLU A 7 -7.54 26.66 -19.65
N ASP A 8 -8.15 26.28 -18.53
CA ASP A 8 -7.62 25.17 -17.70
C ASP A 8 -8.36 23.89 -18.07
N LYS A 9 -9.26 23.94 -19.04
CA LYS A 9 -9.88 22.68 -19.52
C LYS A 9 -8.76 21.87 -20.15
N ALA A 10 -7.88 22.53 -20.91
CA ALA A 10 -6.72 21.83 -21.50
C ALA A 10 -5.76 21.40 -20.39
N ALA A 11 -5.71 22.17 -19.30
CA ALA A 11 -4.86 21.74 -18.17
C ALA A 11 -5.41 20.44 -17.59
N VAL A 12 -6.72 20.32 -17.46
CA VAL A 12 -7.33 19.06 -16.96
C VAL A 12 -7.10 17.94 -17.98
N GLU A 13 -7.14 18.28 -19.27
CA GLU A 13 -6.87 17.26 -20.30
C GLU A 13 -5.44 16.77 -20.17
N ARG A 14 -4.48 17.66 -19.94
CA ARG A 14 -3.06 17.26 -19.76
C ARG A 14 -2.96 16.42 -18.50
N SER A 15 -3.69 16.80 -17.45
CA SER A 15 -3.64 16.04 -16.18
C SER A 15 -4.12 14.62 -16.42
N LYS A 16 -5.21 14.47 -17.15
CA LYS A 16 -5.76 13.12 -17.44
C LYS A 16 -4.79 12.36 -18.33
N MET A 17 -4.18 13.03 -19.30
CA MET A 17 -3.30 12.30 -20.23
C MET A 17 -2.09 11.77 -19.46
N ILE A 18 -1.50 12.61 -18.61
CA ILE A 18 -0.30 12.15 -17.86
C ILE A 18 -0.72 11.16 -16.80
N ASP A 19 -1.99 11.17 -16.37
CA ASP A 19 -2.45 10.14 -15.40
C ASP A 19 -2.60 8.81 -16.12
N ARG A 20 -3.04 8.84 -17.37
CA ARG A 20 -3.12 7.59 -18.16
C ARG A 20 -1.71 7.06 -18.33
N ASN A 21 -0.75 7.95 -18.60
CA ASN A 21 0.67 7.53 -18.74
C ASN A 21 1.18 7.00 -17.39
N LEU A 22 0.80 7.60 -16.27
CA LEU A 22 1.23 7.05 -14.96
C LEU A 22 0.68 5.64 -14.79
N ARG A 23 -0.59 5.42 -15.12
CA ARG A 23 -1.19 4.08 -14.91
C ARG A 23 -0.49 3.06 -15.82
N GLU A 24 -0.21 3.43 -17.07
CA GLU A 24 0.39 2.44 -18.00
C GLU A 24 1.77 2.07 -17.48
N ASP A 25 2.54 3.06 -17.03
CA ASP A 25 3.89 2.79 -16.49
C ASP A 25 3.77 1.98 -15.20
N GLY A 26 2.79 2.30 -14.37
CA GLY A 26 2.56 1.55 -13.11
C GLY A 26 2.22 0.11 -13.37
N GLU A 27 1.39 -0.17 -14.37
CA GLU A 27 1.08 -1.57 -14.74
C GLU A 27 2.37 -2.23 -15.21
N LYS A 28 3.18 -1.53 -15.99
CA LYS A 28 4.44 -2.11 -16.52
C LYS A 28 5.44 -2.30 -15.38
N ALA A 29 5.34 -1.51 -14.30
CA ALA A 29 6.21 -1.74 -13.12
C ALA A 29 5.71 -2.90 -12.26
N ALA A 30 4.39 -2.99 -12.04
CA ALA A 30 3.82 -4.08 -11.22
C ALA A 30 4.00 -5.40 -11.96
N ARG A 31 4.14 -5.34 -13.27
CA ARG A 31 4.36 -6.57 -14.07
C ARG A 31 5.67 -7.21 -13.63
N GLU A 32 6.70 -6.41 -13.40
CA GLU A 32 8.03 -6.97 -13.07
C GLU A 32 8.09 -7.47 -11.63
N VAL A 33 8.77 -8.60 -11.42
CA VAL A 33 8.89 -9.16 -10.06
C VAL A 33 10.14 -8.57 -9.42
N LYS A 34 10.01 -8.03 -8.21
CA LYS A 34 11.15 -7.31 -7.59
C LYS A 34 11.86 -8.19 -6.57
N LEU A 35 13.17 -8.41 -6.77
CA LEU A 35 13.98 -9.22 -5.84
C LEU A 35 15.02 -8.33 -5.18
N LEU A 36 15.14 -8.40 -3.86
CA LEU A 36 16.19 -7.63 -3.15
C LEU A 36 17.34 -8.60 -2.90
N LEU A 37 18.57 -8.26 -3.33
CA LEU A 37 19.76 -9.13 -3.12
C LEU A 37 20.59 -8.62 -1.94
N LEU A 38 20.21 -8.96 -0.71
CA LEU A 38 20.93 -8.48 0.48
C LEU A 38 22.08 -9.44 0.78
N GLY A 39 23.08 -9.45 -0.08
CA GLY A 39 24.24 -10.35 0.11
C GLY A 39 25.01 -10.00 1.35
N ALA A 40 25.43 -11.01 2.11
CA ALA A 40 26.19 -10.80 3.36
C ALA A 40 27.55 -10.18 3.06
N GLY A 41 28.19 -10.65 1.99
CA GLY A 41 29.56 -10.17 1.68
C GLY A 41 29.68 -9.88 0.21
N GLU A 42 30.75 -9.18 -0.20
CA GLU A 42 30.98 -8.94 -1.64
C GLU A 42 31.10 -10.31 -2.30
N SER A 43 31.69 -11.27 -1.57
CA SER A 43 31.83 -12.65 -2.10
C SER A 43 30.44 -13.22 -2.43
N GLY A 44 30.35 -14.00 -3.50
CA GLY A 44 29.06 -14.64 -3.81
C GLY A 44 28.04 -13.66 -4.37
N LYS A 45 27.80 -12.54 -3.69
CA LYS A 45 26.71 -11.63 -4.13
C LYS A 45 27.06 -11.23 -5.56
N SER A 46 28.32 -10.93 -5.79
CA SER A 46 28.75 -10.61 -7.18
C SER A 46 28.55 -11.85 -8.07
N THR A 47 28.89 -13.04 -7.55
CA THR A 47 28.85 -14.23 -8.45
C THR A 47 27.43 -14.53 -8.92
N ILE A 48 26.43 -14.44 -8.04
CA ILE A 48 25.06 -14.84 -8.45
C ILE A 48 24.52 -13.78 -9.40
N VAL A 49 25.05 -12.56 -9.31
CA VAL A 49 24.61 -11.48 -10.25
C VAL A 49 25.08 -11.80 -11.67
N LYS A 50 26.33 -12.27 -11.81
CA LYS A 50 26.86 -12.65 -13.16
C LYS A 50 26.09 -13.87 -13.67
N GLN A 51 25.70 -14.79 -12.79
CA GLN A 51 24.99 -16.03 -13.19
C GLN A 51 23.58 -15.67 -13.63
N MET A 52 23.17 -14.42 -13.45
CA MET A 52 21.85 -13.98 -13.95
C MET A 52 22.02 -13.36 -15.34
N LYS A 53 20.94 -13.35 -16.12
CA LYS A 53 20.99 -12.75 -17.47
C LYS A 53 21.31 -11.25 -17.34
N ILE A 54 22.20 -10.76 -18.19
CA ILE A 54 22.60 -9.33 -18.12
C ILE A 54 23.37 -8.97 -19.40
N THR A 181 28.27 3.76 -4.92
CA THR A 181 27.91 4.15 -6.30
C THR A 181 26.39 4.20 -6.43
N GLY A 182 25.69 3.69 -5.40
CA GLY A 182 24.22 3.66 -5.45
C GLY A 182 23.70 2.29 -5.10
N ILE A 183 22.59 1.90 -5.72
CA ILE A 183 22.11 0.51 -5.58
C ILE A 183 21.93 -0.01 -7.00
N VAL A 184 22.52 -1.15 -7.29
CA VAL A 184 22.48 -1.66 -8.69
C VAL A 184 21.14 -2.34 -8.93
N GLU A 185 20.45 -1.95 -10.00
CA GLU A 185 19.17 -2.62 -10.34
C GLU A 185 19.42 -3.49 -11.57
N THR A 186 19.51 -4.79 -11.36
CA THR A 186 19.77 -5.72 -12.49
C THR A 186 18.44 -6.21 -13.06
N HIS A 187 18.26 -6.03 -14.37
CA HIS A 187 16.99 -6.45 -15.01
C HIS A 187 17.23 -7.70 -15.84
N PHE A 188 16.43 -8.74 -15.65
CA PHE A 188 16.55 -9.92 -16.53
C PHE A 188 15.20 -10.60 -16.66
N THR A 189 15.04 -11.37 -17.74
CA THR A 189 13.75 -12.04 -17.98
C THR A 189 13.97 -13.54 -18.09
N PHE A 190 13.21 -14.33 -17.35
CA PHE A 190 13.30 -15.80 -17.49
C PHE A 190 11.90 -16.38 -17.69
N LYS A 191 11.70 -17.13 -18.77
CA LYS A 191 10.40 -17.79 -19.02
C LYS A 191 9.27 -16.77 -18.96
N ASP A 192 9.44 -15.63 -19.63
CA ASP A 192 8.36 -14.61 -19.72
C ASP A 192 8.08 -14.03 -18.35
N LEU A 193 9.04 -14.10 -17.43
CA LEU A 193 8.86 -13.41 -16.13
C LEU A 193 10.01 -12.40 -15.99
N HIS A 194 9.69 -11.12 -15.85
CA HIS A 194 10.74 -10.07 -15.84
C HIS A 194 11.15 -9.80 -14.39
N PHE A 195 12.44 -9.83 -14.11
CA PHE A 195 12.91 -9.70 -12.71
C PHE A 195 13.67 -8.41 -12.49
N LYS A 196 13.65 -7.90 -11.27
CA LYS A 196 14.49 -6.73 -10.93
C LYS A 196 15.26 -7.17 -9.70
N MET A 197 16.58 -7.09 -9.75
CA MET A 197 17.41 -7.49 -8.60
C MET A 197 18.15 -6.26 -8.07
N PHE A 198 17.77 -5.82 -6.87
CA PHE A 198 18.37 -4.59 -6.30
C PHE A 198 19.59 -4.95 -5.46
N ASP A 199 20.76 -4.89 -6.08
CA ASP A 199 21.99 -5.21 -5.34
C ASP A 199 22.27 -3.98 -4.49
N VAL A 200 22.01 -4.06 -3.20
CA VAL A 200 22.12 -2.87 -2.33
C VAL A 200 23.40 -2.93 -1.49
N GLY A 201 24.36 -3.77 -1.90
CA GLY A 201 25.62 -3.93 -1.14
C GLY A 201 26.46 -2.67 -1.09
N ALA A 202 26.32 -1.79 -2.07
CA ALA A 202 27.08 -0.52 -2.08
C ALA A 202 26.55 0.43 -1.02
N GLN A 203 25.34 0.18 -0.51
CA GLN A 203 24.72 1.08 0.50
C GLN A 203 25.20 0.63 1.88
N ARG A 204 26.40 1.05 2.25
CA ARG A 204 26.91 0.71 3.60
C ARG A 204 26.47 1.82 4.56
N SER A 205 25.34 1.61 5.21
CA SER A 205 24.77 2.61 6.15
C SER A 205 23.86 1.86 7.12
N GLU A 206 23.07 2.57 7.90
CA GLU A 206 22.14 1.88 8.83
C GLU A 206 21.01 1.30 7.99
N ARG A 207 20.96 -0.02 7.90
CA ARG A 207 19.96 -0.71 7.05
C ARG A 207 18.57 -0.42 7.60
N LYS A 208 18.47 -0.12 8.88
CA LYS A 208 17.14 0.12 9.48
C LYS A 208 16.47 1.33 8.82
N LYS A 209 17.23 2.33 8.42
CA LYS A 209 16.61 3.59 7.91
C LYS A 209 16.29 3.56 6.42
N TRP A 210 16.67 2.52 5.69
CA TRP A 210 16.27 2.44 4.26
C TRP A 210 15.72 1.06 3.89
N ILE A 211 15.59 0.17 4.87
CA ILE A 211 15.15 -1.22 4.55
C ILE A 211 13.66 -1.23 4.21
N HIS A 212 12.91 -0.25 4.71
CA HIS A 212 11.45 -0.24 4.47
C HIS A 212 11.15 0.06 3.00
N CYS A 213 12.13 0.58 2.28
CA CYS A 213 11.95 0.87 0.85
C CYS A 213 11.67 -0.43 0.10
N PHE A 214 12.15 -1.56 0.62
CA PHE A 214 11.99 -2.86 -0.09
C PHE A 214 10.89 -3.70 0.57
N GLU A 215 9.93 -3.07 1.24
CA GLU A 215 8.88 -3.83 1.97
C GLU A 215 8.08 -4.70 1.01
N GLY A 216 7.91 -4.28 -0.23
CA GLY A 216 7.05 -5.05 -1.15
C GLY A 216 7.82 -5.92 -2.12
N VAL A 217 9.10 -6.19 -1.87
CA VAL A 217 9.83 -7.11 -2.80
C VAL A 217 9.21 -8.51 -2.70
N THR A 218 9.15 -9.21 -3.83
CA THR A 218 8.62 -10.58 -3.82
C THR A 218 9.50 -11.51 -2.99
N ALA A 219 10.82 -11.46 -3.20
CA ALA A 219 11.73 -12.36 -2.46
C ALA A 219 13.03 -11.65 -2.15
N ILE A 220 13.72 -12.10 -1.10
CA ILE A 220 15.05 -11.52 -0.76
C ILE A 220 16.10 -12.56 -1.09
N ILE A 221 16.79 -12.39 -2.22
CA ILE A 221 17.86 -13.36 -2.55
C ILE A 221 19.01 -13.05 -1.62
N PHE A 222 19.25 -13.94 -0.67
CA PHE A 222 20.32 -13.72 0.34
C PHE A 222 21.47 -14.62 -0.06
N CYS A 223 22.64 -14.05 -0.23
CA CYS A 223 23.77 -14.82 -0.75
C CYS A 223 24.82 -15.01 0.33
N VAL A 224 25.14 -16.26 0.65
CA VAL A 224 26.13 -16.56 1.71
C VAL A 224 27.27 -17.34 1.07
N ALA A 225 28.50 -17.10 1.52
CA ALA A 225 29.63 -17.89 1.02
C ALA A 225 29.85 -19.00 2.02
N LEU A 226 29.73 -20.25 1.59
CA LEU A 226 29.89 -21.41 2.49
C LEU A 226 31.33 -21.48 2.98
N SER A 227 32.28 -20.95 2.22
CA SER A 227 33.71 -21.08 2.58
C SER A 227 34.11 -19.97 3.56
N ASP A 228 33.13 -19.28 4.12
CA ASP A 228 33.43 -18.15 5.04
C ASP A 228 33.44 -18.60 6.51
N TYR A 229 33.23 -19.89 6.78
CA TYR A 229 33.16 -20.30 8.21
C TYR A 229 34.50 -20.08 8.89
N ASP A 230 35.59 -20.46 8.22
CA ASP A 230 36.94 -20.30 8.82
C ASP A 230 37.43 -18.86 8.69
N LEU A 231 37.07 -18.19 7.60
CA LEU A 231 37.59 -16.82 7.37
C LEU A 231 37.03 -15.86 8.43
N VAL A 232 37.86 -14.91 8.86
CA VAL A 232 37.42 -13.92 9.87
C VAL A 232 37.68 -12.51 9.36
N ASN A 240 34.10 -16.79 11.54
CA ASN A 240 33.46 -15.59 12.12
C ASN A 240 32.72 -14.85 11.01
N ARG A 241 33.18 -15.00 9.77
CA ARG A 241 32.46 -14.39 8.63
C ARG A 241 31.08 -15.03 8.53
N MET A 242 31.02 -16.35 8.71
CA MET A 242 29.73 -17.07 8.66
C MET A 242 28.83 -16.60 9.82
N HIS A 243 29.42 -16.35 10.99
CA HIS A 243 28.62 -15.85 12.14
C HIS A 243 28.06 -14.48 11.80
N GLU A 244 28.87 -13.63 11.15
CA GLU A 244 28.37 -12.30 10.74
C GLU A 244 27.24 -12.48 9.73
N SER A 245 27.38 -13.45 8.82
CA SER A 245 26.34 -13.70 7.80
C SER A 245 25.04 -14.11 8.50
N MET A 246 25.15 -14.94 9.52
CA MET A 246 23.92 -15.34 10.27
C MET A 246 23.32 -14.12 10.98
N LYS A 247 24.16 -13.24 11.51
CA LYS A 247 23.62 -12.07 12.22
C LYS A 247 22.82 -11.24 11.23
N LEU A 248 23.35 -11.05 10.03
CA LEU A 248 22.63 -10.27 8.99
C LEU A 248 21.37 -11.03 8.59
N PHE A 249 21.45 -12.35 8.47
CA PHE A 249 20.28 -13.14 8.02
C PHE A 249 19.17 -13.05 9.06
N ASP A 250 19.53 -13.13 10.34
CA ASP A 250 18.53 -12.97 11.42
C ASP A 250 17.98 -11.55 11.37
N SER A 251 18.84 -10.58 11.07
CA SER A 251 18.40 -9.18 11.07
C SER A 251 17.32 -8.98 10.01
N ILE A 252 17.51 -9.58 8.83
CA ILE A 252 16.54 -9.33 7.72
C ILE A 252 15.37 -10.31 7.81
N CYS A 253 15.60 -11.54 8.24
CA CYS A 253 14.54 -12.57 8.26
C CYS A 253 13.44 -12.25 9.27
N ASN A 254 13.82 -11.81 10.46
CA ASN A 254 12.83 -11.52 11.53
C ASN A 254 12.49 -10.03 11.50
N ASN A 255 12.78 -9.36 10.39
CA ASN A 255 12.52 -7.90 10.27
C ASN A 255 11.03 -7.61 10.31
N LYS A 256 10.68 -6.42 10.79
CA LYS A 256 9.24 -6.04 10.89
C LYS A 256 8.67 -5.80 9.49
N TRP A 257 9.52 -5.66 8.47
CA TRP A 257 9.03 -5.35 7.11
C TRP A 257 8.93 -6.61 6.26
N PHE A 258 9.73 -7.62 6.56
CA PHE A 258 9.77 -8.83 5.70
C PHE A 258 9.14 -10.01 6.44
N THR A 259 8.06 -9.77 7.16
CA THR A 259 7.40 -10.85 7.92
C THR A 259 6.88 -11.91 6.95
N ASP A 260 6.31 -11.49 5.82
CA ASP A 260 5.71 -12.45 4.87
C ASP A 260 6.52 -12.55 3.57
N THR A 261 7.76 -12.06 3.57
CA THR A 261 8.54 -12.07 2.31
C THR A 261 9.47 -13.28 2.29
N SER A 262 9.28 -14.17 1.33
CA SER A 262 10.08 -15.41 1.27
C SER A 262 11.53 -15.03 1.02
N ILE A 263 12.45 -15.73 1.67
CA ILE A 263 13.90 -15.42 1.51
C ILE A 263 14.59 -16.53 0.75
N ILE A 264 14.90 -16.29 -0.52
CA ILE A 264 15.70 -17.29 -1.26
C ILE A 264 17.09 -17.17 -0.66
N LEU A 265 17.77 -18.29 -0.44
CA LEU A 265 19.08 -18.25 0.20
C LEU A 265 20.07 -19.07 -0.61
N PHE A 266 21.14 -18.43 -1.06
CA PHE A 266 22.16 -19.14 -1.85
C PHE A 266 23.39 -19.33 -0.98
N LEU A 267 23.82 -20.59 -0.84
CA LEU A 267 25.07 -20.85 -0.11
C LEU A 267 26.13 -21.04 -1.19
N ASN A 268 26.97 -20.03 -1.39
CA ASN A 268 27.92 -20.03 -2.52
C ASN A 268 29.26 -20.66 -2.21
N LYS A 269 30.08 -20.82 -3.25
CA LYS A 269 31.45 -21.36 -3.09
C LYS A 269 31.40 -22.74 -2.46
N LYS A 270 30.42 -23.55 -2.88
CA LYS A 270 30.37 -24.94 -2.37
C LYS A 270 31.60 -25.70 -2.86
N ASP A 271 32.16 -25.31 -4.01
CA ASP A 271 33.40 -25.96 -4.47
C ASP A 271 34.54 -25.64 -3.49
N LEU A 272 34.70 -24.37 -3.16
CA LEU A 272 35.76 -23.97 -2.21
C LEU A 272 35.44 -24.63 -0.87
N PHE A 273 34.14 -24.78 -0.57
CA PHE A 273 33.74 -25.45 0.69
C PHE A 273 34.18 -26.91 0.68
N GLU A 274 34.03 -27.57 -0.47
CA GLU A 274 34.38 -29.01 -0.54
C GLU A 274 35.88 -29.18 -0.28
N GLU A 275 36.70 -28.35 -0.92
CA GLU A 275 38.16 -28.42 -0.69
C GLU A 275 38.48 -27.97 0.74
N LYS A 276 37.82 -26.94 1.24
CA LYS A 276 38.17 -26.39 2.57
C LYS A 276 37.82 -27.37 3.69
N ILE A 277 36.67 -28.03 3.62
CA ILE A 277 36.22 -28.88 4.75
C ILE A 277 37.15 -30.08 4.90
N LYS A 278 37.87 -30.42 3.83
CA LYS A 278 38.83 -31.55 3.90
C LYS A 278 39.92 -31.23 4.92
N LYS A 279 40.42 -29.99 4.94
CA LYS A 279 41.55 -29.63 5.84
C LYS A 279 41.08 -28.82 7.05
N SER A 280 40.16 -27.88 6.83
CA SER A 280 39.74 -26.98 7.94
C SER A 280 38.44 -27.53 8.54
N PRO A 281 38.42 -27.88 9.83
CA PRO A 281 37.20 -28.43 10.43
C PRO A 281 36.09 -27.38 10.53
N LEU A 282 34.84 -27.83 10.51
CA LEU A 282 33.69 -26.90 10.61
C LEU A 282 33.43 -26.62 12.09
N THR A 283 34.19 -27.26 12.97
CA THR A 283 34.05 -26.95 14.42
C THR A 283 34.64 -25.56 14.69
N ILE A 284 35.36 -24.99 13.74
CA ILE A 284 35.92 -23.62 13.92
C ILE A 284 34.74 -22.65 14.11
N CYS A 285 33.73 -22.75 13.26
CA CYS A 285 32.56 -21.84 13.37
C CYS A 285 31.52 -22.44 14.33
N TYR A 286 31.33 -23.75 14.29
CA TYR A 286 30.26 -24.34 15.11
C TYR A 286 30.84 -25.35 16.10
N PRO A 287 31.04 -24.97 17.38
CA PRO A 287 31.48 -25.92 18.39
C PRO A 287 30.42 -27.02 18.56
N GLU A 288 29.13 -26.66 18.42
CA GLU A 288 28.03 -27.62 18.67
C GLU A 288 27.95 -28.68 17.59
N TYR A 289 28.65 -28.52 16.47
CA TYR A 289 28.50 -29.51 15.37
C TYR A 289 29.14 -30.84 15.78
N ALA A 290 28.38 -31.92 15.66
CA ALA A 290 28.91 -33.27 16.01
C ALA A 290 28.59 -34.20 14.84
N GLY A 291 29.42 -34.17 13.80
CA GLY A 291 29.17 -35.02 12.62
C GLY A 291 30.44 -35.24 11.84
N SER A 292 30.45 -36.24 10.95
CA SER A 292 31.64 -36.49 10.12
C SER A 292 31.89 -35.26 9.24
N ASN A 293 33.15 -34.84 9.13
CA ASN A 293 33.44 -33.60 8.38
C ASN A 293 33.44 -33.94 6.90
N THR A 294 32.25 -34.20 6.36
CA THR A 294 32.11 -34.47 4.91
C THR A 294 31.27 -33.34 4.33
N TYR A 295 31.36 -33.11 3.02
CA TYR A 295 30.65 -31.95 2.45
C TYR A 295 29.15 -32.05 2.67
N GLU A 296 28.56 -33.23 2.46
CA GLU A 296 27.08 -33.31 2.54
C GLU A 296 26.59 -33.01 3.95
N GLU A 297 27.17 -33.64 4.96
CA GLU A 297 26.67 -33.45 6.34
C GLU A 297 26.95 -32.02 6.78
N ALA A 298 28.14 -31.51 6.48
CA ALA A 298 28.51 -30.17 6.95
C ALA A 298 27.61 -29.12 6.30
N ALA A 299 27.38 -29.27 4.99
CA ALA A 299 26.54 -28.30 4.26
C ALA A 299 25.11 -28.37 4.80
N ALA A 300 24.64 -29.58 5.07
CA ALA A 300 23.27 -29.74 5.59
C ALA A 300 23.18 -29.05 6.95
N TYR A 301 24.23 -29.18 7.75
CA TYR A 301 24.19 -28.58 9.10
C TYR A 301 24.14 -27.06 8.96
N ILE A 302 24.92 -26.50 8.03
CA ILE A 302 24.96 -25.02 7.87
C ILE A 302 23.59 -24.56 7.38
N GLN A 303 23.00 -25.30 6.46
CA GLN A 303 21.67 -24.94 5.91
C GLN A 303 20.65 -24.98 7.05
N CYS A 304 20.77 -25.98 7.91
CA CYS A 304 19.82 -26.13 9.04
C CYS A 304 19.98 -24.92 9.97
N GLN A 305 21.23 -24.52 10.24
CA GLN A 305 21.44 -23.38 11.17
C GLN A 305 20.83 -22.12 10.57
N PHE A 306 21.01 -21.91 9.27
CA PHE A 306 20.42 -20.72 8.62
C PHE A 306 18.90 -20.80 8.61
N GLU A 307 18.35 -21.96 8.24
CA GLU A 307 16.88 -22.09 8.09
C GLU A 307 16.22 -22.02 9.46
N ASP A 308 16.98 -22.25 10.53
CA ASP A 308 16.38 -22.29 11.89
C ASP A 308 16.32 -20.89 12.48
N LEU A 309 16.81 -19.87 11.77
CA LEU A 309 16.85 -18.50 12.34
C LEU A 309 15.47 -17.84 12.22
N ASN A 310 14.57 -18.40 11.41
CA ASN A 310 13.27 -17.71 11.19
C ASN A 310 12.30 -18.08 12.30
N LYS A 311 11.93 -17.11 13.12
CA LYS A 311 10.90 -17.36 14.18
C LYS A 311 9.53 -17.48 13.53
N ARG A 312 9.33 -16.79 12.40
CA ARG A 312 8.06 -16.87 11.66
C ARG A 312 8.18 -18.00 10.64
N LYS A 313 7.82 -19.22 11.03
CA LYS A 313 8.02 -20.39 10.14
C LYS A 313 6.76 -20.66 9.32
N ASP A 314 5.75 -19.80 9.45
CA ASP A 314 4.46 -20.03 8.75
C ASP A 314 4.29 -19.08 7.55
N THR A 315 4.57 -17.79 7.72
CA THR A 315 4.29 -16.83 6.63
C THR A 315 5.48 -16.77 5.68
N LYS A 316 6.58 -17.43 6.03
CA LYS A 316 7.79 -17.31 5.19
C LYS A 316 8.41 -18.68 4.93
N GLU A 317 8.98 -18.86 3.74
CA GLU A 317 9.72 -20.11 3.50
C GLU A 317 11.11 -19.75 2.98
N ILE A 318 12.16 -20.32 3.58
CA ILE A 318 13.53 -20.01 3.14
C ILE A 318 13.94 -21.02 2.07
N TYR A 319 13.76 -20.64 0.81
CA TYR A 319 14.16 -21.55 -0.28
C TYR A 319 15.69 -21.55 -0.32
N THR A 320 16.31 -22.69 -0.04
CA THR A 320 17.77 -22.73 0.06
C THR A 320 18.33 -23.46 -1.15
N HIS A 321 19.51 -23.07 -1.61
CA HIS A 321 20.13 -23.77 -2.75
C HIS A 321 21.65 -23.68 -2.68
N PHE A 322 22.36 -24.74 -3.05
CA PHE A 322 23.83 -24.68 -3.12
C PHE A 322 24.12 -24.30 -4.56
N THR A 323 24.83 -23.19 -4.77
CA THR A 323 24.93 -22.66 -6.15
C THR A 323 25.68 -23.54 -7.13
N CYS A 324 25.04 -23.87 -8.25
CA CYS A 324 25.71 -24.68 -9.31
C CYS A 324 26.37 -23.73 -10.29
N SER A 325 27.50 -24.15 -10.87
CA SER A 325 28.24 -23.23 -11.79
C SER A 325 27.32 -22.87 -12.95
N THR A 326 26.50 -23.81 -13.41
CA THR A 326 25.66 -23.53 -14.61
C THR A 326 24.76 -22.34 -14.29
N ASP A 327 24.73 -21.35 -15.18
CA ASP A 327 23.87 -20.16 -14.96
C ASP A 327 22.41 -20.64 -14.99
N THR A 328 22.10 -21.60 -15.85
CA THR A 328 20.69 -22.06 -15.99
C THR A 328 20.21 -22.61 -14.65
N LYS A 329 21.02 -23.42 -13.95
CA LYS A 329 20.49 -24.00 -12.70
C LYS A 329 20.18 -22.88 -11.71
N ASN A 330 21.06 -21.89 -11.57
CA ASN A 330 20.83 -20.86 -10.54
C ASN A 330 19.57 -20.05 -10.85
N VAL A 331 19.40 -19.64 -12.10
CA VAL A 331 18.21 -18.82 -12.46
C VAL A 331 16.96 -19.67 -12.30
N GLN A 332 17.01 -20.93 -12.71
CA GLN A 332 15.78 -21.77 -12.66
C GLN A 332 15.34 -21.80 -11.22
N PHE A 333 16.29 -21.95 -10.29
CA PHE A 333 15.91 -22.05 -8.88
C PHE A 333 15.21 -20.77 -8.44
N VAL A 334 15.73 -19.63 -8.88
CA VAL A 334 15.10 -18.34 -8.53
C VAL A 334 13.72 -18.29 -9.16
N PHE A 335 13.60 -18.73 -10.41
CA PHE A 335 12.30 -18.68 -11.10
C PHE A 335 11.30 -19.58 -10.37
N ASP A 336 11.73 -20.77 -9.97
CA ASP A 336 10.83 -21.71 -9.28
C ASP A 336 10.41 -21.11 -7.94
N ALA A 337 11.35 -20.54 -7.21
CA ALA A 337 11.02 -20.00 -5.88
C ALA A 337 10.06 -18.83 -6.05
N VAL A 338 10.31 -17.96 -7.02
CA VAL A 338 9.43 -16.77 -7.18
C VAL A 338 8.07 -17.19 -7.71
N THR A 339 7.99 -18.23 -8.54
CA THR A 339 6.66 -18.72 -8.97
C THR A 339 5.93 -19.25 -7.74
N ASP A 340 6.62 -19.93 -6.85
CA ASP A 340 5.97 -20.41 -5.60
C ASP A 340 5.51 -19.21 -4.79
N VAL A 341 6.32 -18.16 -4.72
CA VAL A 341 5.94 -16.97 -3.93
C VAL A 341 4.75 -16.28 -4.60
N ILE A 342 4.73 -16.22 -5.92
CA ILE A 342 3.59 -15.61 -6.64
C ILE A 342 2.33 -16.44 -6.38
N ILE A 343 2.43 -17.77 -6.41
CA ILE A 343 1.25 -18.63 -6.18
C ILE A 343 0.74 -18.40 -4.76
N LYS A 344 1.66 -18.33 -3.80
CA LYS A 344 1.24 -18.13 -2.38
C LYS A 344 0.63 -16.74 -2.22
N ASN A 345 1.19 -15.75 -2.89
CA ASN A 345 0.66 -14.36 -2.79
C ASN A 345 -0.75 -14.33 -3.38
N ASN A 346 -0.95 -15.03 -4.50
CA ASN A 346 -2.29 -15.10 -5.12
C ASN A 346 -3.26 -15.80 -4.16
N LEU A 347 -2.80 -16.87 -3.51
CA LEU A 347 -3.68 -17.63 -2.59
C LEU A 347 -4.09 -16.71 -1.44
N LYS A 348 -3.16 -15.92 -0.92
CA LYS A 348 -3.47 -15.01 0.22
C LYS A 348 -4.44 -13.93 -0.23
N ASP A 349 -4.23 -13.40 -1.44
CA ASP A 349 -5.12 -12.33 -1.97
C ASP A 349 -6.51 -12.90 -2.22
N CYS A 350 -6.59 -14.11 -2.77
CA CYS A 350 -7.90 -14.70 -3.14
C CYS A 350 -8.60 -15.25 -1.91
N GLY A 351 -7.91 -15.28 -0.77
CA GLY A 351 -8.56 -15.71 0.48
C GLY A 351 -8.47 -17.19 0.73
N LEU A 352 -7.91 -17.95 -0.20
CA LEU A 352 -7.71 -19.39 0.04
C LEU A 352 -6.69 -19.62 1.16
N PHE A 353 -5.57 -18.89 1.16
CA PHE A 353 -4.49 -19.14 2.15
C PHE A 353 -4.50 -18.10 3.26
N ASP B 18 44.84 10.15 24.04
CA ASP B 18 44.69 9.55 25.38
C ASP B 18 44.07 10.58 26.31
N GLU B 19 44.64 11.78 26.35
CA GLU B 19 44.06 12.87 27.16
C GLU B 19 42.81 13.44 26.51
N LEU B 20 42.68 13.30 25.20
CA LEU B 20 41.56 13.95 24.48
C LEU B 20 40.22 13.45 25.02
N ARG B 21 40.13 12.17 25.38
CA ARG B 21 38.81 11.64 25.80
C ARG B 21 38.34 12.32 27.08
N GLN B 22 39.20 12.46 28.08
CA GLN B 22 38.80 13.18 29.32
C GLN B 22 38.59 14.67 29.05
N GLU B 23 39.37 15.26 28.15
CA GLU B 23 39.14 16.68 27.82
C GLU B 23 37.74 16.83 27.23
N ALA B 24 37.36 15.91 26.34
CA ALA B 24 36.02 15.97 25.71
C ALA B 24 34.94 15.78 26.76
N GLU B 25 35.16 14.86 27.69
CA GLU B 25 34.13 14.60 28.72
C GLU B 25 34.00 15.87 29.58
N GLN B 26 35.13 16.50 29.91
CA GLN B 26 35.09 17.72 30.75
C GLN B 26 34.35 18.83 29.99
N LEU B 27 34.61 18.95 28.69
CA LEU B 27 33.92 19.99 27.88
C LEU B 27 32.42 19.68 27.83
N LYS B 28 32.04 18.41 27.70
CA LYS B 28 30.61 18.06 27.66
C LYS B 28 29.96 18.43 29.00
N ASN B 29 30.65 18.13 30.10
CA ASN B 29 30.09 18.50 31.43
C ASN B 29 29.98 20.03 31.49
N GLN B 30 30.97 20.74 30.97
CA GLN B 30 30.97 22.23 31.05
C GLN B 30 29.78 22.77 30.26
N ILE B 31 29.55 22.25 29.05
CA ILE B 31 28.45 22.77 28.20
C ILE B 31 27.12 22.43 28.88
N ARG B 32 27.03 21.24 29.48
CA ARG B 32 25.77 20.85 30.15
C ARG B 32 25.52 21.81 31.30
N ASP B 33 26.58 22.16 32.04
CA ASP B 33 26.43 23.10 33.18
C ASP B 33 26.01 24.47 32.65
N ALA B 34 26.58 24.87 31.51
CA ALA B 34 26.23 26.18 30.93
C ALA B 34 24.76 26.20 30.52
N ARG B 35 24.29 25.11 29.91
CA ARG B 35 22.86 25.05 29.50
C ARG B 35 21.99 25.06 30.76
N LYS B 36 22.38 24.32 31.78
CA LYS B 36 21.56 24.25 33.01
C LYS B 36 21.51 25.63 33.66
N ALA B 37 22.62 26.36 33.62
CA ALA B 37 22.65 27.73 34.20
C ALA B 37 21.67 28.62 33.45
N CYS B 38 21.60 28.49 32.14
CA CYS B 38 20.74 29.37 31.31
C CYS B 38 19.26 28.97 31.37
N ALA B 39 18.97 27.77 31.86
CA ALA B 39 17.57 27.29 31.94
C ALA B 39 16.91 27.81 33.21
N ASP B 40 16.69 29.12 33.29
CA ASP B 40 16.08 29.74 34.49
C ASP B 40 14.65 29.23 34.65
N ALA B 41 13.95 29.02 33.54
CA ALA B 41 12.57 28.51 33.59
C ALA B 41 12.28 27.70 32.34
N THR B 42 11.26 26.86 32.40
CA THR B 42 10.90 26.02 31.24
C THR B 42 9.89 26.76 30.35
N LEU B 43 9.73 26.29 29.11
CA LEU B 43 8.76 26.92 28.18
C LEU B 43 7.35 26.76 28.76
N SER B 44 7.06 25.62 29.36
CA SER B 44 5.68 25.37 29.87
C SER B 44 5.32 26.37 30.96
N GLN B 45 6.28 26.75 31.80
CA GLN B 45 5.98 27.68 32.91
C GLN B 45 5.63 29.07 32.37
N ILE B 46 6.40 29.56 31.39
CA ILE B 46 6.16 30.93 30.87
C ILE B 46 4.85 30.96 30.09
N THR B 47 4.58 29.91 29.32
CA THR B 47 3.39 29.92 28.42
C THR B 47 2.23 29.14 29.04
N ASN B 48 2.16 29.04 30.36
CA ASN B 48 1.04 28.35 31.04
C ASN B 48 -0.21 29.22 31.06
N ASN B 49 -0.06 30.54 30.98
CA ASN B 49 -1.23 31.45 31.11
C ASN B 49 -1.80 31.82 29.75
N ILE B 50 -1.18 31.37 28.67
CA ILE B 50 -1.65 31.78 27.32
C ILE B 50 -2.92 31.01 26.97
N ASP B 51 -3.64 31.48 25.96
CA ASP B 51 -4.90 30.80 25.56
C ASP B 51 -4.57 29.42 25.03
N PRO B 52 -5.20 28.35 25.55
CA PRO B 52 -4.95 27.03 25.01
C PRO B 52 -5.74 26.84 23.71
N VAL B 53 -5.10 27.13 22.58
CA VAL B 53 -5.81 27.04 21.28
C VAL B 53 -5.79 25.57 20.91
N GLY B 54 -6.78 24.82 21.40
CA GLY B 54 -6.81 23.36 21.20
C GLY B 54 -8.02 22.88 20.44
N ARG B 55 -8.63 23.74 19.64
CA ARG B 55 -9.74 23.23 18.79
C ARG B 55 -9.25 23.27 17.34
N ILE B 56 -8.62 22.19 16.89
CA ILE B 56 -8.07 22.17 15.51
C ILE B 56 -8.70 21.01 14.76
N GLN B 57 -9.72 21.29 13.96
CA GLN B 57 -10.30 20.23 13.10
C GLN B 57 -9.91 20.63 11.68
N MET B 58 -9.23 19.73 10.97
CA MET B 58 -8.85 20.03 9.57
C MET B 58 -9.47 18.97 8.66
N ARG B 59 -10.40 19.40 7.81
CA ARG B 59 -11.04 18.46 6.86
C ARG B 59 -10.12 18.33 5.64
N THR B 60 -10.02 17.13 5.08
CA THR B 60 -9.19 16.97 3.88
C THR B 60 -9.89 17.70 2.73
N ARG B 61 -9.24 18.73 2.19
CA ARG B 61 -9.85 19.54 1.12
C ARG B 61 -9.51 18.96 -0.25
N ARG B 62 -8.41 18.25 -0.37
CA ARG B 62 -8.09 17.58 -1.65
C ARG B 62 -7.48 16.22 -1.36
N THR B 63 -7.59 15.29 -2.31
CA THR B 63 -6.89 13.99 -2.16
C THR B 63 -6.14 13.78 -3.46
N LEU B 64 -4.89 14.24 -3.52
CA LEU B 64 -4.14 14.15 -4.78
C LEU B 64 -3.85 12.68 -5.00
N ARG B 65 -4.36 12.12 -6.09
CA ARG B 65 -4.24 10.66 -6.33
C ARG B 65 -3.59 10.43 -7.67
N GLY B 66 -2.80 9.36 -7.79
CA GLY B 66 -2.11 9.09 -9.05
C GLY B 66 -0.77 8.44 -8.79
N HIS B 67 -0.34 8.46 -7.53
CA HIS B 67 0.89 7.74 -7.17
C HIS B 67 0.51 6.28 -6.97
N LEU B 68 1.31 5.36 -7.48
CA LEU B 68 0.98 3.92 -7.37
C LEU B 68 1.92 3.23 -6.38
N ALA B 69 2.60 3.98 -5.52
CA ALA B 69 3.53 3.40 -4.53
C ALA B 69 3.67 4.34 -3.34
N LYS B 70 4.39 3.90 -2.31
CA LYS B 70 4.50 4.72 -1.08
C LYS B 70 5.10 6.09 -1.41
N ILE B 71 4.50 7.15 -0.87
CA ILE B 71 5.02 8.53 -1.09
C ILE B 71 5.97 8.86 0.05
N TYR B 72 7.25 9.08 -0.26
CA TYR B 72 8.23 9.32 0.81
C TYR B 72 8.48 10.81 1.01
N ALA B 73 8.24 11.64 0.00
CA ALA B 73 8.56 13.06 0.20
C ALA B 73 7.67 13.97 -0.62
N MET B 74 7.29 15.12 -0.06
CA MET B 74 6.57 16.15 -0.83
C MET B 74 7.17 17.49 -0.42
N HIS B 75 7.10 18.48 -1.30
CA HIS B 75 7.55 19.84 -0.91
C HIS B 75 6.67 20.85 -1.62
N TRP B 76 6.22 21.85 -0.89
CA TRP B 76 5.38 22.91 -1.49
C TRP B 76 6.23 23.90 -2.26
N GLY B 77 5.62 24.59 -3.20
CA GLY B 77 6.34 25.69 -3.86
C GLY B 77 6.19 26.95 -3.03
N THR B 78 7.03 27.95 -3.27
CA THR B 78 6.88 29.22 -2.53
C THR B 78 5.54 29.89 -2.90
N ASP B 79 5.01 29.56 -4.07
CA ASP B 79 3.69 30.11 -4.49
C ASP B 79 2.60 29.49 -3.64
N SER B 80 2.90 28.42 -2.92
CA SER B 80 1.93 27.75 -2.01
C SER B 80 0.77 27.18 -2.80
N ARG B 81 0.97 26.88 -4.07
CA ARG B 81 -0.09 26.22 -4.85
C ARG B 81 0.45 24.93 -5.45
N LEU B 82 1.62 25.02 -6.07
CA LEU B 82 2.23 23.80 -6.64
C LEU B 82 2.92 22.99 -5.55
N LEU B 83 2.98 21.68 -5.71
CA LEU B 83 3.77 20.86 -4.78
C LEU B 83 4.33 19.66 -5.56
N VAL B 84 5.56 19.28 -5.26
CA VAL B 84 6.18 18.13 -5.96
C VAL B 84 6.20 17.01 -4.95
N SER B 85 5.80 15.81 -5.38
CA SER B 85 5.77 14.65 -4.47
C SER B 85 6.53 13.51 -5.11
N ALA B 86 7.30 12.78 -4.30
CA ALA B 86 8.10 11.66 -4.82
C ALA B 86 7.51 10.37 -4.31
N SER B 87 7.67 9.29 -5.07
CA SER B 87 7.20 7.97 -4.60
C SER B 87 8.03 6.85 -5.22
N GLN B 88 7.87 5.63 -4.73
CA GLN B 88 8.75 4.52 -5.13
C GLN B 88 8.30 3.90 -6.45
N ASP B 89 7.41 4.56 -7.19
CA ASP B 89 7.07 4.06 -8.54
C ASP B 89 7.98 4.79 -9.53
N GLY B 90 8.91 5.59 -9.02
CA GLY B 90 9.85 6.31 -9.90
C GLY B 90 9.29 7.58 -10.49
N LYS B 91 8.27 8.17 -9.87
CA LYS B 91 7.65 9.36 -10.49
C LYS B 91 7.61 10.58 -9.56
N LEU B 92 8.13 11.71 -10.03
CA LEU B 92 7.94 12.98 -9.28
C LEU B 92 6.70 13.54 -9.99
N ILE B 93 5.68 13.88 -9.23
CA ILE B 93 4.47 14.49 -9.84
C ILE B 93 4.32 15.88 -9.23
N ILE B 94 4.13 16.88 -10.08
CA ILE B 94 3.92 18.26 -9.56
C ILE B 94 2.43 18.53 -9.64
N TRP B 95 1.82 18.79 -8.49
CA TRP B 95 0.35 18.93 -8.46
C TRP B 95 -0.07 20.37 -8.35
N ASP B 96 -1.10 20.75 -9.11
CA ASP B 96 -1.69 22.08 -8.91
C ASP B 96 -2.68 21.80 -7.81
N SER B 97 -2.29 22.02 -6.56
CA SER B 97 -3.13 21.62 -5.41
C SER B 97 -4.48 22.31 -5.38
N TYR B 98 -4.60 23.51 -5.94
CA TYR B 98 -5.92 24.17 -5.99
C TYR B 98 -6.91 23.35 -6.82
N THR B 99 -6.47 22.82 -7.96
CA THR B 99 -7.41 22.09 -8.87
C THR B 99 -7.09 20.60 -8.97
N THR B 100 -6.12 20.09 -8.21
CA THR B 100 -5.81 18.63 -8.18
C THR B 100 -5.15 18.18 -9.47
N ASN B 101 -4.89 19.10 -10.39
CA ASN B 101 -4.30 18.71 -11.70
C ASN B 101 -2.84 18.30 -11.52
N LYS B 102 -2.35 17.43 -12.39
CA LYS B 102 -0.92 17.09 -12.32
C LYS B 102 -0.21 17.95 -13.36
N VAL B 103 0.58 18.92 -12.93
CA VAL B 103 1.32 19.81 -13.86
C VAL B 103 2.40 19.03 -14.61
N HIS B 104 3.16 18.19 -13.91
CA HIS B 104 4.20 17.39 -14.58
C HIS B 104 4.28 16.00 -13.97
N ALA B 105 4.76 15.02 -14.74
CA ALA B 105 5.03 13.70 -14.18
C ALA B 105 6.44 13.37 -14.66
N ILE B 106 7.40 13.30 -13.74
CA ILE B 106 8.81 13.14 -14.16
C ILE B 106 9.24 11.69 -13.92
N PRO B 107 9.67 10.96 -14.96
CA PRO B 107 10.09 9.59 -14.78
C PRO B 107 11.54 9.58 -14.29
N LEU B 108 11.73 9.24 -13.02
CA LEU B 108 13.08 9.26 -12.42
C LEU B 108 13.93 8.10 -12.92
N ARG B 109 15.24 8.30 -13.00
CA ARG B 109 16.16 7.21 -13.41
C ARG B 109 16.18 6.13 -12.33
N SER B 110 16.11 6.51 -11.05
CA SER B 110 16.07 5.52 -9.95
C SER B 110 14.77 5.68 -9.17
N SER B 111 13.99 4.60 -9.06
CA SER B 111 12.70 4.68 -8.37
C SER B 111 12.89 4.85 -6.86
N TRP B 112 14.09 4.57 -6.36
CA TRP B 112 14.32 4.62 -4.90
C TRP B 112 14.62 6.06 -4.52
N VAL B 113 13.56 6.86 -4.38
CA VAL B 113 13.74 8.29 -4.04
C VAL B 113 13.18 8.52 -2.65
N MET B 114 14.05 8.91 -1.71
CA MET B 114 13.63 9.08 -0.31
C MET B 114 13.36 10.55 -0.05
N THR B 115 13.60 11.42 -1.02
CA THR B 115 13.43 12.86 -0.75
C THR B 115 13.11 13.63 -2.01
N CYS B 116 12.54 14.82 -1.87
CA CYS B 116 12.31 15.70 -3.04
C CYS B 116 12.21 17.13 -2.56
N ALA B 117 12.59 18.08 -3.40
CA ALA B 117 12.48 19.50 -3.03
C ALA B 117 12.02 20.29 -4.25
N TYR B 118 11.35 21.41 -4.01
CA TYR B 118 10.88 22.27 -5.12
C TYR B 118 11.60 23.59 -4.94
N ALA B 119 12.24 24.09 -5.98
CA ALA B 119 13.10 25.28 -5.83
C ALA B 119 12.29 26.49 -5.37
N PRO B 120 12.88 27.42 -4.60
CA PRO B 120 12.15 28.60 -4.18
C PRO B 120 11.69 29.41 -5.39
N SER B 121 12.53 29.48 -6.43
CA SER B 121 12.12 30.16 -7.69
C SER B 121 11.03 29.36 -8.39
N GLY B 122 11.01 28.05 -8.19
CA GLY B 122 10.01 27.18 -8.83
C GLY B 122 10.50 26.62 -10.13
N ASN B 123 11.67 27.03 -10.57
CA ASN B 123 12.22 26.54 -11.86
C ASN B 123 12.69 25.09 -11.77
N TYR B 124 13.18 24.65 -10.62
CA TYR B 124 13.79 23.30 -10.55
C TYR B 124 13.20 22.42 -9.46
N VAL B 125 13.35 21.11 -9.63
CA VAL B 125 12.96 20.18 -8.54
C VAL B 125 14.17 19.26 -8.33
N ALA B 126 14.25 18.69 -7.13
CA ALA B 126 15.36 17.75 -6.85
C ALA B 126 14.76 16.48 -6.27
N CYS B 127 15.45 15.36 -6.48
CA CYS B 127 15.01 14.11 -5.84
C CYS B 127 16.23 13.20 -5.68
N GLY B 128 16.27 12.45 -4.60
CA GLY B 128 17.40 11.56 -4.36
C GLY B 128 17.04 10.50 -3.38
N GLY B 129 17.83 9.44 -3.31
CA GLY B 129 17.51 8.33 -2.41
C GLY B 129 18.62 7.32 -2.40
N LEU B 130 18.27 6.04 -2.51
CA LEU B 130 19.26 4.96 -2.40
C LEU B 130 20.27 5.05 -3.55
N ASP B 131 20.00 5.85 -4.57
CA ASP B 131 20.95 6.02 -5.71
C ASP B 131 22.17 6.85 -5.29
N ASN B 132 22.13 7.55 -4.16
CA ASN B 132 23.25 8.39 -3.66
C ASN B 132 23.36 9.65 -4.48
N ILE B 133 22.46 9.87 -5.43
CA ILE B 133 22.60 11.02 -6.37
C ILE B 133 21.43 11.97 -6.22
N CYS B 134 21.70 13.27 -6.13
CA CYS B 134 20.60 14.26 -6.12
C CYS B 134 20.41 14.71 -7.56
N SER B 135 19.25 14.40 -8.15
CA SER B 135 19.01 14.76 -9.56
C SER B 135 18.26 16.09 -9.57
N ILE B 136 18.77 17.04 -10.35
CA ILE B 136 18.08 18.36 -10.47
C ILE B 136 17.34 18.38 -11.80
N TYR B 137 16.04 18.65 -11.76
CA TYR B 137 15.22 18.62 -12.99
C TYR B 137 14.80 20.04 -13.35
N ASN B 138 14.95 20.40 -14.62
CA ASN B 138 14.59 21.78 -15.06
C ASN B 138 13.15 21.75 -15.53
N LEU B 139 12.24 22.31 -14.74
CA LEU B 139 10.81 22.33 -15.08
C LEU B 139 10.52 23.29 -16.24
N LYS B 140 11.16 24.45 -16.24
CA LYS B 140 10.84 25.47 -17.27
C LYS B 140 11.89 25.41 -18.37
N THR B 141 11.58 24.71 -19.46
CA THR B 141 12.54 24.56 -20.58
C THR B 141 11.86 25.02 -21.86
N ARG B 142 12.65 25.33 -22.89
CA ARG B 142 12.08 25.71 -24.20
C ARG B 142 11.30 24.52 -24.76
N GLU B 143 11.81 23.31 -24.56
CA GLU B 143 11.05 22.11 -24.98
C GLU B 143 9.93 21.89 -23.97
N GLY B 144 9.01 20.98 -24.25
CA GLY B 144 7.87 20.84 -23.34
C GLY B 144 8.10 19.84 -22.24
N ASN B 145 9.20 19.10 -22.29
CA ASN B 145 9.44 18.02 -21.31
C ASN B 145 10.30 18.51 -20.15
N VAL B 146 10.28 17.78 -19.04
CA VAL B 146 11.16 18.15 -17.90
C VAL B 146 12.43 17.31 -18.04
N ARG B 147 13.58 17.97 -18.08
CA ARG B 147 14.84 17.25 -18.31
C ARG B 147 15.73 17.42 -17.09
N VAL B 148 16.60 16.44 -16.84
CA VAL B 148 17.48 16.52 -15.66
C VAL B 148 18.63 17.46 -15.98
N SER B 149 18.81 18.49 -15.16
CA SER B 149 19.89 19.46 -15.40
C SER B 149 21.21 18.87 -14.91
N ARG B 150 21.29 18.52 -13.64
CA ARG B 150 22.57 18.02 -13.09
C ARG B 150 22.30 16.89 -12.11
N GLU B 151 23.10 15.81 -12.19
CA GLU B 151 23.00 14.73 -11.19
C GLU B 151 24.15 15.01 -10.24
N LEU B 152 23.86 15.33 -8.98
CA LEU B 152 24.90 15.74 -8.02
C LEU B 152 25.45 14.49 -7.33
N ALA B 153 26.43 13.82 -7.96
CA ALA B 153 26.91 12.54 -7.41
C ALA B 153 28.22 12.68 -6.66
N GLY B 154 28.18 12.80 -5.34
CA GLY B 154 29.42 12.84 -4.54
C GLY B 154 29.21 12.23 -3.17
N HIS B 155 28.07 11.59 -2.93
CA HIS B 155 27.77 11.05 -1.59
C HIS B 155 27.99 9.55 -1.60
N THR B 156 28.49 8.99 -0.50
CA THR B 156 28.70 7.53 -0.41
C THR B 156 27.49 6.89 0.24
N GLY B 157 26.72 7.67 0.99
CA GLY B 157 25.52 7.16 1.68
C GLY B 157 24.27 7.68 1.02
N TYR B 158 23.12 7.06 1.29
CA TYR B 158 21.88 7.42 0.59
C TYR B 158 21.47 8.85 0.92
N LEU B 159 20.55 9.39 0.12
CA LEU B 159 20.10 10.79 0.32
C LEU B 159 18.81 10.80 1.12
N SER B 160 18.84 11.42 2.30
CA SER B 160 17.67 11.39 3.19
C SER B 160 16.90 12.69 3.06
N CYS B 161 17.59 13.77 2.69
CA CYS B 161 16.89 15.05 2.48
C CYS B 161 17.71 15.95 1.58
N CYS B 162 17.05 16.88 0.90
CA CYS B 162 17.76 17.88 0.08
C CYS B 162 16.88 19.11 0.02
N ARG B 163 17.46 20.28 0.23
CA ARG B 163 16.67 21.54 0.22
C ARG B 163 17.40 22.56 -0.64
N PHE B 164 16.65 23.23 -1.50
CA PHE B 164 17.27 24.23 -2.39
C PHE B 164 17.51 25.52 -1.62
N LEU B 165 18.69 26.10 -1.75
CA LEU B 165 18.95 27.42 -1.14
C LEU B 165 18.60 28.46 -2.21
N ASP B 166 18.95 28.18 -3.46
CA ASP B 166 18.60 29.05 -4.60
C ASP B 166 18.74 28.21 -5.85
N ASP B 167 18.69 28.82 -7.02
CA ASP B 167 18.74 28.04 -8.28
C ASP B 167 20.09 27.34 -8.39
N ASN B 168 21.12 27.85 -7.69
CA ASN B 168 22.48 27.28 -7.85
C ASN B 168 22.96 26.49 -6.64
N GLN B 169 22.45 26.79 -5.43
CA GLN B 169 22.99 26.10 -4.24
C GLN B 169 21.96 25.14 -3.69
N ILE B 170 22.30 23.85 -3.60
CA ILE B 170 21.38 22.87 -2.95
C ILE B 170 22.15 22.21 -1.81
N VAL B 171 21.53 22.14 -0.63
CA VAL B 171 22.19 21.45 0.51
C VAL B 171 21.58 20.06 0.61
N THR B 172 22.42 19.04 0.80
CA THR B 172 21.90 17.67 0.77
C THR B 172 22.42 16.85 1.95
N SER B 173 21.52 16.41 2.83
CA SER B 173 21.93 15.50 3.92
C SER B 173 22.05 14.11 3.33
N SER B 174 22.95 13.31 3.89
CA SER B 174 23.18 11.97 3.32
C SER B 174 23.18 10.93 4.43
N GLY B 175 23.26 9.66 4.04
CA GLY B 175 23.28 8.57 5.02
C GLY B 175 24.70 8.14 5.32
N ASP B 176 25.67 8.97 4.96
CA ASP B 176 27.11 8.68 5.26
C ASP B 176 27.64 9.65 6.30
N THR B 177 26.75 10.26 7.09
CA THR B 177 27.12 11.21 8.19
C THR B 177 27.50 12.58 7.63
N THR B 178 27.35 12.79 6.33
CA THR B 178 27.83 14.06 5.76
C THR B 178 26.71 14.86 5.10
N CYS B 179 26.58 16.12 5.50
CA CYS B 179 25.63 17.03 4.81
C CYS B 179 26.51 17.80 3.84
N ALA B 180 26.03 18.02 2.62
CA ALA B 180 26.89 18.66 1.62
C ALA B 180 26.25 19.92 1.08
N LEU B 181 27.05 20.85 0.62
CA LEU B 181 26.51 22.05 -0.06
C LEU B 181 27.00 21.95 -1.49
N TRP B 182 26.09 22.02 -2.45
CA TRP B 182 26.49 21.76 -3.85
C TRP B 182 26.35 23.02 -4.71
N ASP B 183 27.13 23.10 -5.79
CA ASP B 183 26.95 24.20 -6.77
C ASP B 183 26.39 23.47 -7.99
N ILE B 184 25.15 23.74 -8.35
CA ILE B 184 24.49 22.93 -9.41
C ILE B 184 25.19 23.08 -10.76
N GLU B 185 25.56 24.29 -11.15
CA GLU B 185 26.14 24.43 -12.52
C GLU B 185 27.44 23.66 -12.62
N THR B 186 28.32 23.81 -11.63
CA THR B 186 29.60 23.06 -11.62
C THR B 186 29.36 21.59 -11.32
N GLY B 187 28.43 21.30 -10.41
CA GLY B 187 28.12 19.91 -10.04
C GLY B 187 29.00 19.38 -8.94
N GLN B 188 29.79 20.23 -8.29
CA GLN B 188 30.75 19.74 -7.28
C GLN B 188 30.48 20.34 -5.89
N GLN B 189 30.74 19.57 -4.84
CA GLN B 189 30.43 20.04 -3.48
C GLN B 189 31.30 21.25 -3.15
N THR B 190 30.67 22.34 -2.74
CA THR B 190 31.44 23.54 -2.34
C THR B 190 31.69 23.50 -0.84
N THR B 191 30.95 22.65 -0.12
CA THR B 191 31.15 22.50 1.33
C THR B 191 30.65 21.14 1.77
N THR B 192 31.40 20.46 2.65
CA THR B 192 30.90 19.18 3.21
C THR B 192 30.79 19.34 4.72
N PHE B 193 29.61 19.10 5.27
CA PHE B 193 29.38 19.29 6.71
C PHE B 193 29.60 17.99 7.45
N THR B 194 30.86 17.60 7.65
CA THR B 194 31.16 16.38 8.43
C THR B 194 30.96 16.68 9.91
N GLY B 195 30.75 15.65 10.72
CA GLY B 195 30.65 15.88 12.16
C GLY B 195 29.63 14.97 12.80
N HIS B 196 28.59 14.60 12.07
CA HIS B 196 27.61 13.65 12.63
C HIS B 196 28.28 12.29 12.78
N THR B 197 27.87 11.52 13.78
CA THR B 197 28.42 10.16 13.96
C THR B 197 27.46 9.13 13.37
N GLY B 198 26.23 9.53 13.08
CA GLY B 198 25.21 8.60 12.55
C GLY B 198 24.57 9.16 11.30
N ASP B 199 23.79 8.35 10.60
CA ASP B 199 23.21 8.80 9.31
C ASP B 199 22.33 10.02 9.51
N VAL B 200 22.51 11.01 8.63
CA VAL B 200 21.71 12.26 8.73
C VAL B 200 20.39 11.99 8.01
N MET B 201 19.27 12.16 8.71
CA MET B 201 17.96 11.77 8.12
C MET B 201 17.17 12.98 7.62
N SER B 202 17.54 14.19 8.01
CA SER B 202 16.68 15.33 7.62
C SER B 202 17.44 16.65 7.57
N LEU B 203 16.84 17.65 6.92
CA LEU B 203 17.46 19.00 6.86
C LEU B 203 16.36 20.03 7.09
N SER B 204 16.74 21.24 7.47
CA SER B 204 15.75 22.33 7.57
C SER B 204 16.53 23.62 7.37
N LEU B 205 16.23 24.36 6.31
CA LEU B 205 16.99 25.60 6.05
C LEU B 205 16.40 26.71 6.92
N ALA B 206 17.23 27.63 7.36
CA ALA B 206 16.70 28.76 8.14
C ALA B 206 15.89 29.63 7.19
N PRO B 207 14.91 30.39 7.67
CA PRO B 207 14.18 31.29 6.80
C PRO B 207 15.11 32.27 6.07
N ASP B 208 16.21 32.69 6.71
CA ASP B 208 17.18 33.61 6.07
C ASP B 208 18.21 32.83 5.25
N THR B 209 18.16 31.51 5.26
CA THR B 209 19.05 30.64 4.43
C THR B 209 20.52 30.80 4.78
N ARG B 210 20.84 31.27 5.97
CA ARG B 210 22.26 31.33 6.39
C ARG B 210 22.60 30.12 7.26
N LEU B 211 21.62 29.51 7.91
CA LEU B 211 21.88 28.35 8.79
C LEU B 211 20.99 27.18 8.37
N PHE B 212 21.40 25.97 8.69
CA PHE B 212 20.50 24.81 8.47
C PHE B 212 20.78 23.75 9.52
N VAL B 213 19.72 23.20 10.10
CA VAL B 213 19.88 22.16 11.15
C VAL B 213 19.72 20.81 10.50
N SER B 214 20.59 19.87 10.85
CA SER B 214 20.45 18.49 10.34
C SER B 214 20.34 17.52 11.50
N GLY B 215 19.31 16.69 11.46
CA GLY B 215 19.14 15.66 12.52
C GLY B 215 19.69 14.35 12.02
N ALA B 216 20.34 13.60 12.90
CA ALA B 216 20.99 12.35 12.45
C ALA B 216 20.50 11.17 13.28
N CYS B 217 20.89 9.97 12.88
CA CYS B 217 20.49 8.75 13.60
C CYS B 217 21.18 8.67 14.96
N ASP B 218 22.15 9.54 15.22
CA ASP B 218 22.87 9.52 16.51
C ASP B 218 22.09 10.35 17.53
N ALA B 219 20.87 10.77 17.19
CA ALA B 219 19.99 11.52 18.13
C ALA B 219 20.56 12.90 18.39
N SER B 220 21.47 13.34 17.54
CA SER B 220 22.06 14.68 17.70
C SER B 220 21.66 15.56 16.52
N ALA B 221 21.10 16.73 16.80
CA ALA B 221 20.78 17.66 15.70
C ALA B 221 21.82 18.76 15.76
N LYS B 222 22.49 19.00 14.64
CA LYS B 222 23.60 19.97 14.64
C LYS B 222 23.26 21.20 13.81
N LEU B 223 23.42 22.39 14.37
CA LEU B 223 23.23 23.61 13.55
C LEU B 223 24.51 23.85 12.77
N TRP B 224 24.40 24.04 11.46
CA TRP B 224 25.59 24.27 10.61
C TRP B 224 25.54 25.68 10.02
N ASP B 225 26.67 26.22 9.58
CA ASP B 225 26.68 27.54 8.90
C ASP B 225 27.00 27.27 7.44
N VAL B 226 26.17 27.77 6.53
CA VAL B 226 26.38 27.41 5.10
C VAL B 226 27.58 28.17 4.53
N ARG B 227 27.86 29.37 5.03
CA ARG B 227 28.96 30.18 4.45
C ARG B 227 30.34 29.53 4.64
N GLU B 228 30.69 29.03 5.83
CA GLU B 228 32.04 28.43 5.95
C GLU B 228 31.93 26.92 6.13
N GLY B 229 30.86 26.44 6.76
CA GLY B 229 30.69 24.98 6.81
C GLY B 229 31.20 24.29 8.05
N MET B 230 31.06 24.93 9.20
CA MET B 230 31.47 24.26 10.47
C MET B 230 30.29 24.21 11.45
N CYS B 231 30.17 23.12 12.20
CA CYS B 231 28.97 22.95 13.06
C CYS B 231 28.92 24.05 14.11
N ARG B 232 27.89 24.90 14.03
CA ARG B 232 27.76 26.02 14.99
C ARG B 232 27.37 25.51 16.37
N GLN B 233 26.40 24.61 16.44
CA GLN B 233 25.91 24.11 17.75
C GLN B 233 25.49 22.65 17.60
N THR B 234 25.49 21.90 18.70
CA THR B 234 25.03 20.50 18.65
C THR B 234 23.97 20.31 19.73
N PHE B 235 22.83 19.74 19.35
CA PHE B 235 21.71 19.56 20.31
C PHE B 235 21.47 18.09 20.51
N THR B 236 21.37 17.67 21.77
CA THR B 236 21.06 16.26 22.11
C THR B 236 19.86 16.28 23.04
N GLY B 237 19.28 15.13 23.31
CA GLY B 237 18.08 15.08 24.15
C GLY B 237 17.11 14.07 23.60
N HIS B 238 17.38 13.58 22.39
CA HIS B 238 16.52 12.51 21.82
C HIS B 238 17.11 11.15 22.20
N GLU B 239 16.25 10.23 22.63
CA GLU B 239 16.71 8.87 22.99
C GLU B 239 17.13 8.08 21.76
N SER B 240 16.38 8.19 20.67
CA SER B 240 16.63 7.30 19.50
C SER B 240 16.88 8.10 18.23
N ASP B 241 16.76 7.44 17.07
CA ASP B 241 17.09 8.08 15.79
C ASP B 241 16.22 9.31 15.58
N ILE B 242 16.76 10.32 14.87
CA ILE B 242 15.99 11.54 14.55
C ILE B 242 15.53 11.43 13.10
N ASN B 243 14.22 11.59 12.85
CA ASN B 243 13.69 11.36 11.49
C ASN B 243 13.28 12.65 10.80
N ALA B 244 12.88 13.67 11.56
CA ALA B 244 12.38 14.90 10.92
C ALA B 244 12.87 16.12 11.69
N ILE B 245 13.06 17.22 10.99
CA ILE B 245 13.51 18.47 11.65
C ILE B 245 12.91 19.64 10.86
N CYS B 246 12.57 20.71 11.56
CA CYS B 246 11.98 21.87 10.85
C CYS B 246 12.22 23.14 11.67
N PHE B 247 12.73 24.17 11.03
CA PHE B 247 12.97 25.42 11.76
C PHE B 247 11.66 26.09 12.14
N PHE B 248 11.65 26.76 13.28
CA PHE B 248 10.50 27.60 13.63
C PHE B 248 10.56 28.75 12.63
N PRO B 249 9.43 29.37 12.27
CA PRO B 249 9.43 30.45 11.31
C PRO B 249 10.45 31.56 11.64
N ASN B 250 10.79 31.77 12.91
CA ASN B 250 11.86 32.75 13.24
C ASN B 250 13.20 32.28 12.71
N GLY B 251 13.50 30.99 12.81
CA GLY B 251 14.86 30.51 12.50
C GLY B 251 15.69 30.50 13.77
N ASN B 252 15.08 30.89 14.89
CA ASN B 252 15.77 30.89 16.20
C ASN B 252 15.36 29.65 17.00
N ALA B 253 14.60 28.75 16.40
CA ALA B 253 14.25 27.48 17.08
C ALA B 253 13.94 26.42 16.03
N PHE B 254 13.99 25.16 16.40
CA PHE B 254 13.57 24.12 15.45
C PHE B 254 12.98 22.93 16.19
N ALA B 255 12.02 22.26 15.57
CA ALA B 255 11.41 21.07 16.19
C ALA B 255 12.07 19.85 15.56
N THR B 256 12.13 18.78 16.33
CA THR B 256 12.78 17.55 15.83
C THR B 256 11.85 16.37 16.03
N GLY B 257 11.82 15.46 15.06
CA GLY B 257 10.95 14.28 15.15
C GLY B 257 11.78 13.03 15.25
N SER B 258 11.47 12.15 16.20
CA SER B 258 12.33 10.98 16.42
C SER B 258 11.57 9.66 16.43
N ASP B 259 12.31 8.56 16.35
CA ASP B 259 11.70 7.20 16.40
C ASP B 259 11.17 6.92 17.81
N ASP B 260 11.50 7.76 18.78
CA ASP B 260 11.09 7.51 20.19
C ASP B 260 9.73 8.16 20.47
N ALA B 261 8.95 8.47 19.44
CA ALA B 261 7.58 9.02 19.61
C ALA B 261 7.62 10.35 20.34
N THR B 262 8.66 11.14 20.09
CA THR B 262 8.77 12.41 20.82
C THR B 262 9.26 13.54 19.91
N CYS B 263 8.58 14.68 19.93
CA CYS B 263 9.10 15.85 19.22
C CYS B 263 9.74 16.71 20.31
N ARG B 264 10.79 17.44 19.96
CA ARG B 264 11.39 18.37 20.96
C ARG B 264 11.65 19.71 20.27
N LEU B 265 11.47 20.81 21.00
CA LEU B 265 11.73 22.15 20.42
C LEU B 265 13.07 22.65 20.95
N PHE B 266 14.06 22.72 20.07
CA PHE B 266 15.39 23.20 20.48
C PHE B 266 15.52 24.67 20.07
N ASP B 267 15.94 25.52 20.99
CA ASP B 267 16.14 26.95 20.66
C ASP B 267 17.62 27.20 20.34
N LEU B 268 17.89 27.88 19.25
CA LEU B 268 19.29 28.09 18.81
C LEU B 268 20.04 28.98 19.79
N ARG B 269 19.46 30.09 20.23
CA ARG B 269 20.20 31.01 21.11
C ARG B 269 20.38 30.40 22.51
N ALA B 270 19.32 29.79 23.04
CA ALA B 270 19.38 29.19 24.38
C ALA B 270 20.24 27.93 24.32
N ASP B 271 20.37 27.34 23.15
CA ASP B 271 21.26 26.17 22.96
C ASP B 271 20.81 25.01 23.84
N GLN B 272 19.51 24.85 24.06
CA GLN B 272 19.05 23.65 24.79
C GLN B 272 17.59 23.38 24.47
N GLU B 273 17.13 22.17 24.77
CA GLU B 273 15.72 21.79 24.50
C GLU B 273 14.79 22.61 25.39
N LEU B 274 13.65 23.03 24.83
CA LEU B 274 12.67 23.80 25.63
C LEU B 274 11.46 22.94 25.93
N MET B 275 10.88 22.31 24.92
CA MET B 275 9.60 21.61 25.17
C MET B 275 9.65 20.16 24.67
N THR B 276 8.99 19.25 25.38
CA THR B 276 8.92 17.84 24.95
C THR B 276 7.50 17.55 24.50
N TYR B 277 7.36 16.97 23.32
CA TYR B 277 6.00 16.75 22.76
C TYR B 277 5.74 15.25 22.78
N SER B 278 5.20 14.77 23.89
CA SER B 278 5.01 13.31 24.01
C SER B 278 3.65 13.01 24.63
N HIS B 279 3.09 11.86 24.28
CA HIS B 279 1.84 11.42 24.93
C HIS B 279 1.95 9.91 25.12
N ASP B 280 1.50 9.38 26.25
CA ASP B 280 1.73 7.94 26.55
C ASP B 280 1.07 7.05 25.51
N ASN B 281 -0.12 7.43 25.04
CA ASN B 281 -0.84 6.58 24.06
C ASN B 281 -0.10 6.58 22.73
N ILE B 282 0.83 7.52 22.54
CA ILE B 282 1.62 7.57 21.28
C ILE B 282 2.94 6.88 21.53
N ILE B 283 3.12 5.71 20.93
CA ILE B 283 4.37 4.91 21.17
C ILE B 283 4.98 4.63 19.81
N CYS B 284 4.76 5.53 18.85
CA CYS B 284 5.22 5.26 17.47
C CYS B 284 6.14 6.38 16.98
N GLY B 285 7.07 6.04 16.10
CA GLY B 285 8.06 7.04 15.65
C GLY B 285 7.46 8.16 14.83
N ILE B 286 8.14 9.29 14.76
CA ILE B 286 7.66 10.46 13.98
C ILE B 286 8.39 10.50 12.65
N THR B 287 7.66 10.52 11.55
CA THR B 287 8.28 10.47 10.22
C THR B 287 8.40 11.87 9.62
N SER B 288 7.63 12.83 10.10
CA SER B 288 7.67 14.16 9.47
C SER B 288 7.29 15.23 10.50
N VAL B 289 7.90 16.41 10.37
CA VAL B 289 7.57 17.53 11.30
C VAL B 289 7.49 18.80 10.47
N SER B 290 6.49 19.65 10.72
CA SER B 290 6.44 20.96 10.06
C SER B 290 5.68 21.93 10.94
N PHE B 291 6.03 23.21 10.85
CA PHE B 291 5.39 24.22 11.71
C PHE B 291 4.32 24.98 10.94
N SER B 292 3.40 25.61 11.66
CA SER B 292 2.36 26.43 11.01
C SER B 292 2.98 27.77 10.62
N LYS B 293 2.23 28.59 9.92
CA LYS B 293 2.77 29.89 9.44
C LYS B 293 3.19 30.71 10.65
N SER B 294 2.41 30.67 11.73
CA SER B 294 2.72 31.48 12.94
C SER B 294 3.67 30.73 13.86
N GLY B 295 3.82 29.42 13.66
CA GLY B 295 4.67 28.63 14.57
C GLY B 295 3.92 28.21 15.83
N ARG B 296 2.63 28.55 15.94
CA ARG B 296 1.82 28.18 17.12
C ARG B 296 1.38 26.73 17.03
N LEU B 297 1.40 26.16 15.84
CA LEU B 297 1.02 24.74 15.68
C LEU B 297 2.21 23.92 15.22
N LEU B 298 2.43 22.76 15.81
CA LEU B 298 3.48 21.84 15.30
C LEU B 298 2.76 20.67 14.67
N LEU B 299 2.98 20.47 13.38
CA LEU B 299 2.28 19.38 12.66
C LEU B 299 3.26 18.22 12.61
N ALA B 300 3.06 17.23 13.48
CA ALA B 300 3.98 16.07 13.52
C ALA B 300 3.30 14.89 12.85
N GLY B 301 3.98 14.27 11.88
CA GLY B 301 3.37 13.15 11.15
C GLY B 301 3.89 11.83 11.69
N TYR B 302 3.09 11.15 12.50
CA TYR B 302 3.54 9.89 13.13
C TYR B 302 3.37 8.72 12.18
N ASP B 303 3.95 7.58 12.54
CA ASP B 303 3.80 6.35 11.73
C ASP B 303 2.68 5.48 12.31
N ASP B 304 1.83 6.03 13.17
CA ASP B 304 0.64 5.30 13.67
C ASP B 304 -0.48 5.57 12.67
N PHE B 305 -0.13 6.01 11.46
CA PHE B 305 -1.09 6.22 10.35
C PHE B 305 -1.75 7.60 10.38
N ASN B 306 -1.50 8.40 11.42
CA ASN B 306 -2.22 9.70 11.49
C ASN B 306 -1.30 10.81 11.98
N CYS B 307 -1.46 12.01 11.43
CA CYS B 307 -0.66 13.15 11.91
C CYS B 307 -1.21 13.64 13.25
N ASN B 308 -0.49 14.54 13.88
CA ASN B 308 -0.98 15.16 15.14
C ASN B 308 -0.81 16.66 14.97
N VAL B 309 -1.49 17.43 15.81
CA VAL B 309 -1.29 18.90 15.77
C VAL B 309 -0.93 19.33 17.18
N TRP B 310 0.34 19.62 17.42
CA TRP B 310 0.79 19.97 18.77
C TRP B 310 0.75 21.49 18.92
N ASP B 311 0.17 21.96 20.01
CA ASP B 311 0.19 23.41 20.27
C ASP B 311 1.62 23.64 20.72
N ALA B 312 2.44 24.26 19.87
CA ALA B 312 3.90 24.34 20.12
C ALA B 312 4.25 25.04 21.42
N LEU B 313 3.42 25.95 21.91
CA LEU B 313 3.82 26.69 23.12
C LEU B 313 3.34 25.97 24.40
N LYS B 314 2.49 24.95 24.30
CA LYS B 314 1.96 24.32 25.53
C LYS B 314 2.11 22.79 25.52
N ALA B 315 2.50 22.20 24.39
CA ALA B 315 2.70 20.74 24.28
C ALA B 315 1.40 19.98 24.54
N ASP B 316 0.26 20.59 24.23
CA ASP B 316 -1.04 19.89 24.38
C ASP B 316 -1.52 19.56 22.98
N ARG B 317 -1.93 18.31 22.76
CA ARG B 317 -2.28 17.91 21.37
C ARG B 317 -3.56 18.64 20.99
N ALA B 318 -3.46 19.62 20.11
CA ALA B 318 -4.62 20.44 19.74
C ALA B 318 -5.53 19.70 18.75
N GLY B 319 -5.02 18.68 18.07
CA GLY B 319 -5.87 18.04 17.06
C GLY B 319 -5.25 16.81 16.45
N VAL B 320 -5.97 16.17 15.53
CA VAL B 320 -5.45 14.96 14.83
C VAL B 320 -5.86 15.11 13.37
N LEU B 321 -5.10 14.51 12.46
CA LEU B 321 -5.41 14.61 11.01
C LEU B 321 -5.40 13.20 10.45
N ALA B 322 -6.38 12.39 10.84
CA ALA B 322 -6.51 11.02 10.33
C ALA B 322 -7.17 11.08 8.96
N GLY B 323 -7.21 9.95 8.25
CA GLY B 323 -7.75 9.95 6.89
C GLY B 323 -6.72 9.29 6.01
N HIS B 324 -5.61 8.88 6.63
CA HIS B 324 -4.52 8.20 5.88
C HIS B 324 -4.41 6.73 6.29
N ASP B 325 -4.46 5.81 5.32
CA ASP B 325 -4.42 4.35 5.61
C ASP B 325 -3.09 3.83 6.16
N ASN B 326 -1.95 4.21 5.57
CA ASN B 326 -0.63 3.80 6.10
C ASN B 326 0.04 5.00 6.77
N ARG B 327 1.34 4.95 7.03
CA ARG B 327 2.03 5.99 7.81
C ARG B 327 2.16 7.29 7.02
N VAL B 328 2.07 8.40 7.75
CA VAL B 328 2.19 9.73 7.09
C VAL B 328 3.68 9.93 6.93
N SER B 329 4.19 9.64 5.74
CA SER B 329 5.65 9.74 5.48
C SER B 329 6.16 11.16 5.40
N CYS B 330 5.39 12.04 4.76
CA CYS B 330 5.88 13.43 4.55
C CYS B 330 4.78 14.41 4.92
N LEU B 331 5.17 15.60 5.34
CA LEU B 331 4.18 16.63 5.77
C LEU B 331 4.79 17.99 5.43
N GLY B 332 3.96 18.93 5.01
CA GLY B 332 4.46 20.28 4.69
C GLY B 332 3.39 21.33 4.81
N VAL B 333 3.73 22.46 5.37
CA VAL B 333 2.76 23.58 5.51
C VAL B 333 3.10 24.59 4.43
N THR B 334 2.08 25.19 3.81
CA THR B 334 2.33 26.13 2.69
C THR B 334 3.04 27.37 3.23
N ASP B 335 3.75 28.07 2.35
CA ASP B 335 4.53 29.24 2.79
C ASP B 335 3.59 30.31 3.35
N ASP B 336 2.34 30.34 2.91
CA ASP B 336 1.36 31.29 3.49
C ASP B 336 0.59 30.64 4.64
N GLY B 337 0.84 29.37 4.92
CA GLY B 337 0.20 28.69 6.06
C GLY B 337 -1.24 28.33 5.77
N MET B 338 -1.65 28.40 4.52
CA MET B 338 -3.05 28.11 4.15
C MET B 338 -3.39 26.62 4.28
N ALA B 339 -2.47 25.73 3.91
CA ALA B 339 -2.82 24.29 3.90
C ALA B 339 -1.70 23.44 4.46
N VAL B 340 -2.02 22.21 4.86
CA VAL B 340 -0.99 21.26 5.35
C VAL B 340 -1.14 19.98 4.52
N ALA B 341 -0.21 19.77 3.60
CA ALA B 341 -0.31 18.58 2.73
C ALA B 341 0.44 17.43 3.36
N THR B 342 -0.28 16.37 3.70
CA THR B 342 0.35 15.17 4.31
C THR B 342 0.32 14.06 3.29
N GLY B 343 1.48 13.50 3.00
CA GLY B 343 1.57 12.41 2.02
C GLY B 343 1.88 11.14 2.76
N SER B 344 1.31 10.03 2.32
CA SER B 344 1.49 8.80 3.13
C SER B 344 1.84 7.61 2.25
N TRP B 345 2.21 6.51 2.89
CA TRP B 345 2.62 5.30 2.16
C TRP B 345 1.38 4.70 1.49
N ASP B 346 0.24 5.38 1.61
CA ASP B 346 -1.02 4.84 1.04
C ASP B 346 -1.10 5.25 -0.42
N SER B 347 -0.11 6.01 -0.90
CA SER B 347 -0.05 6.48 -2.31
C SER B 347 -0.95 7.69 -2.54
N PHE B 348 -1.43 8.32 -1.47
CA PHE B 348 -2.35 9.46 -1.63
C PHE B 348 -1.86 10.65 -0.81
N LEU B 349 -1.82 11.83 -1.41
CA LEU B 349 -1.45 13.06 -0.66
C LEU B 349 -2.77 13.76 -0.32
N LYS B 350 -2.93 14.20 0.92
CA LYS B 350 -4.15 14.92 1.27
C LYS B 350 -3.79 16.32 1.74
N ILE B 351 -4.43 17.34 1.17
CA ILE B 351 -4.20 18.73 1.60
C ILE B 351 -5.28 19.06 2.62
N TRP B 352 -4.90 19.65 3.76
CA TRP B 352 -5.86 19.89 4.84
C TRP B 352 -5.92 21.39 5.11
N ASN B 353 -7.02 21.89 5.68
CA ASN B 353 -7.18 23.35 5.88
C ASN B 353 -8.13 23.58 7.05
N ILE C 8 42.57 8.45 15.25
CA ILE C 8 42.72 9.24 16.51
C ILE C 8 42.49 10.72 16.19
N ALA C 9 42.59 11.10 14.92
CA ALA C 9 42.34 12.49 14.51
C ALA C 9 40.89 12.87 14.83
N GLN C 10 39.98 11.90 14.74
CA GLN C 10 38.55 12.17 15.05
C GLN C 10 38.45 12.65 16.49
N ALA C 11 39.25 12.08 17.40
CA ALA C 11 39.12 12.46 18.82
C ALA C 11 39.51 13.93 19.01
N ARG C 12 40.64 14.35 18.44
CA ARG C 12 41.10 15.75 18.60
C ARG C 12 40.12 16.68 17.89
N LYS C 13 39.61 16.23 16.74
CA LYS C 13 38.65 17.08 15.99
C LYS C 13 37.38 17.28 16.83
N LEU C 14 36.90 16.21 17.47
CA LEU C 14 35.70 16.33 18.32
C LEU C 14 36.02 17.27 19.48
N VAL C 15 37.25 17.18 19.99
CA VAL C 15 37.64 18.05 21.13
C VAL C 15 37.60 19.51 20.66
N GLU C 16 38.10 19.79 19.46
CA GLU C 16 38.12 21.18 18.94
C GLU C 16 36.68 21.67 18.75
N GLN C 17 35.83 20.81 18.20
CA GLN C 17 34.43 21.23 17.93
C GLN C 17 33.74 21.50 19.28
N LEU C 18 33.97 20.64 20.25
CA LEU C 18 33.31 20.82 21.55
C LEU C 18 33.89 22.07 22.21
N LYS C 19 34.97 22.63 21.69
CA LYS C 19 35.46 23.92 22.28
C LYS C 19 34.57 25.10 21.85
N MET C 20 34.30 25.15 20.56
CA MET C 20 33.42 26.23 20.06
C MET C 20 32.01 26.02 20.63
N GLU C 21 31.53 24.78 20.76
CA GLU C 21 30.17 24.65 21.34
C GLU C 21 30.22 25.24 22.73
N ALA C 22 31.32 25.04 23.44
CA ALA C 22 31.49 25.58 24.80
C ALA C 22 31.48 27.11 24.86
N ASN C 23 32.18 27.82 23.96
CA ASN C 23 32.18 29.31 24.19
C ASN C 23 31.11 30.07 23.39
N ILE C 24 29.83 29.73 23.53
CA ILE C 24 28.79 30.27 22.61
C ILE C 24 28.02 31.28 23.44
N ASP C 25 27.71 32.45 22.88
CA ASP C 25 27.07 33.48 23.73
C ASP C 25 25.61 33.06 23.87
N ARG C 26 25.29 32.36 24.95
CA ARG C 26 23.93 31.83 25.13
C ARG C 26 23.02 32.87 25.75
N ILE C 27 21.71 32.63 25.69
CA ILE C 27 20.75 33.57 26.28
C ILE C 27 19.87 32.78 27.23
N LYS C 28 19.28 33.46 28.21
CA LYS C 28 18.41 32.78 29.18
C LYS C 28 17.22 32.14 28.44
N VAL C 29 16.83 30.94 28.87
CA VAL C 29 15.71 30.22 28.23
C VAL C 29 14.44 31.04 28.43
N SER C 30 14.38 31.84 29.48
CA SER C 30 13.20 32.72 29.65
C SER C 30 13.11 33.68 28.47
N LYS C 31 14.23 34.26 28.06
CA LYS C 31 14.22 35.22 26.93
C LYS C 31 13.82 34.50 25.64
N ALA C 32 14.35 33.31 25.42
CA ALA C 32 14.06 32.57 24.17
C ALA C 32 12.59 32.16 24.14
N ALA C 33 12.07 31.72 25.27
CA ALA C 33 10.65 31.32 25.33
C ALA C 33 9.78 32.55 25.09
N ALA C 34 10.18 33.68 25.67
CA ALA C 34 9.37 34.91 25.51
C ALA C 34 9.39 35.28 24.04
N ASP C 35 10.54 35.13 23.38
CA ASP C 35 10.63 35.52 21.95
C ASP C 35 9.73 34.63 21.11
N LEU C 36 9.75 33.32 21.38
CA LEU C 36 8.91 32.39 20.59
C LEU C 36 7.43 32.71 20.83
N MET C 37 7.06 32.96 22.07
CA MET C 37 5.65 33.28 22.40
C MET C 37 5.27 34.60 21.72
N ALA C 38 6.18 35.57 21.73
CA ALA C 38 5.87 36.89 21.14
C ALA C 38 5.66 36.75 19.63
N TYR C 39 6.50 35.94 18.98
CA TYR C 39 6.35 35.78 17.52
C TYR C 39 5.03 35.06 17.21
N CYS C 40 4.68 34.06 18.00
CA CYS C 40 3.44 33.31 17.75
C CYS C 40 2.25 34.27 17.89
N GLU C 41 2.27 35.10 18.92
CA GLU C 41 1.16 36.07 19.13
C GLU C 41 1.13 37.07 17.98
N ALA C 42 2.30 37.55 17.56
CA ALA C 42 2.35 38.59 16.50
C ALA C 42 1.82 38.05 15.17
N HIS C 43 2.14 36.81 14.84
CA HIS C 43 1.75 36.28 13.50
C HIS C 43 0.51 35.39 13.60
N ALA C 44 -0.18 35.42 14.73
CA ALA C 44 -1.34 34.52 14.91
C ALA C 44 -2.42 34.86 13.90
N LYS C 45 -2.68 36.15 13.68
CA LYS C 45 -3.77 36.57 12.77
C LYS C 45 -3.47 36.10 11.35
N GLU C 46 -2.22 36.24 10.92
CA GLU C 46 -1.82 35.82 9.55
C GLU C 46 -1.45 34.34 9.59
N ASP C 47 -2.33 33.51 10.13
CA ASP C 47 -2.09 32.05 10.14
C ASP C 47 -3.42 31.36 9.94
N PRO C 48 -3.70 30.84 8.73
CA PRO C 48 -4.99 30.24 8.47
C PRO C 48 -5.31 29.01 9.33
N LEU C 49 -4.31 28.31 9.84
CA LEU C 49 -4.56 27.07 10.62
C LEU C 49 -5.08 27.34 12.03
N LEU C 50 -4.57 28.38 12.70
CA LEU C 50 -4.99 28.62 14.11
C LEU C 50 -6.47 28.96 14.13
N THR C 51 -6.91 29.85 13.24
CA THR C 51 -8.34 30.26 13.21
C THR C 51 -8.89 29.93 11.83
N PRO C 52 -10.07 29.29 11.72
CA PRO C 52 -10.56 28.90 10.40
C PRO C 52 -10.74 30.15 9.54
N VAL C 53 -10.42 30.02 8.25
CA VAL C 53 -10.55 31.18 7.31
C VAL C 53 -11.88 31.04 6.57
N PRO C 54 -12.63 32.13 6.32
CA PRO C 54 -13.87 32.03 5.58
C PRO C 54 -13.69 31.43 4.19
N ALA C 55 -14.69 30.66 3.73
CA ALA C 55 -14.57 29.95 2.45
C ALA C 55 -14.41 30.94 1.29
N SER C 56 -14.85 32.18 1.48
CA SER C 56 -14.65 33.22 0.43
C SER C 56 -13.16 33.58 0.32
N GLU C 57 -12.36 33.21 1.33
CA GLU C 57 -10.92 33.58 1.34
C GLU C 57 -10.06 32.32 1.25
N ASN C 58 -10.66 31.14 1.40
CA ASN C 58 -9.88 29.88 1.42
C ASN C 58 -9.81 29.33 0.00
N PRO C 59 -8.62 29.07 -0.56
CA PRO C 59 -8.52 28.60 -1.93
C PRO C 59 -8.75 27.10 -2.13
N PHE C 60 -8.85 26.35 -1.03
CA PHE C 60 -9.12 24.89 -1.15
C PHE C 60 -10.56 24.65 -0.74
N ARG C 61 -11.42 24.33 -1.70
CA ARG C 61 -12.85 24.11 -1.38
C ARG C 61 -13.34 22.80 -1.98
N FME D 1 -33.05 -18.03 -16.18
CN FME D 1 -33.58 -18.89 -17.06
O1 FME D 1 -33.50 -18.78 -18.28
CA FME D 1 -32.90 -18.39 -14.78
CB FME D 1 -32.14 -17.33 -13.99
CG FME D 1 -30.65 -17.59 -13.97
SD FME D 1 -30.28 -19.34 -13.66
CE FME D 1 -28.49 -19.32 -13.76
C FME D 1 -34.26 -18.66 -14.12
O FME D 1 -34.56 -19.84 -13.90
N LEU D 2 -35.04 -17.63 -13.83
CA LEU D 2 -36.33 -17.79 -13.12
C LEU D 2 -37.27 -18.66 -13.96
N PHE D 3 -37.96 -19.62 -13.34
CA PHE D 3 -39.00 -20.39 -14.09
C PHE D 3 -40.29 -19.59 -13.95
N ILE D 4 -40.57 -18.70 -14.89
CA ILE D 4 -41.75 -17.79 -14.78
C ILE D 4 -43.03 -18.63 -14.79
N ILE D 5 -43.09 -19.66 -15.64
CA ILE D 5 -44.33 -20.47 -15.76
C ILE D 5 -44.53 -21.27 -14.46
N GLY E 42 -50.05 -31.62 4.66
CA GLY E 42 -49.11 -32.55 4.03
C GLY E 42 -48.05 -31.85 3.20
N TYR E 43 -48.40 -30.76 2.53
CA TYR E 43 -47.41 -29.98 1.74
C TYR E 43 -47.42 -28.53 2.18
N LEU E 44 -48.25 -28.20 3.16
CA LEU E 44 -48.28 -26.82 3.71
C LEU E 44 -46.94 -26.53 4.37
N PHE E 45 -46.31 -27.56 4.94
CA PHE E 45 -45.01 -27.39 5.61
C PHE E 45 -43.94 -26.94 4.62
N LEU E 46 -43.97 -27.45 3.39
CA LEU E 46 -42.91 -27.15 2.38
C LEU E 46 -42.99 -25.69 1.98
N ASP E 47 -44.04 -24.98 2.38
CA ASP E 47 -44.23 -23.56 2.01
C ASP E 47 -43.59 -22.63 3.06
N ILE E 48 -43.73 -22.96 4.34
CA ILE E 48 -43.19 -22.04 5.38
C ILE E 48 -41.68 -21.97 5.25
N ILE E 49 -41.04 -23.10 4.97
CA ILE E 49 -39.56 -23.11 4.83
C ILE E 49 -39.22 -22.21 3.64
N THR E 50 -40.03 -22.26 2.59
CA THR E 50 -39.76 -21.43 1.40
C THR E 50 -39.87 -19.96 1.82
N TYR E 51 -40.87 -19.63 2.61
CA TYR E 51 -41.06 -18.21 3.01
C TYR E 51 -39.87 -17.75 3.85
N LEU E 52 -39.42 -18.60 4.78
CA LEU E 52 -38.28 -18.22 5.64
C LEU E 52 -37.01 -18.13 4.79
N VAL E 53 -36.82 -19.06 3.86
CA VAL E 53 -35.57 -19.07 3.06
C VAL E 53 -35.54 -17.78 2.26
N PHE E 54 -36.69 -17.35 1.74
CA PHE E 54 -36.71 -16.04 1.07
C PHE E 54 -36.45 -14.95 2.10
N ALA E 55 -37.08 -15.07 3.28
CA ALA E 55 -36.96 -13.99 4.28
C ALA E 55 -35.52 -13.83 4.79
N VAL E 56 -34.87 -14.95 5.09
CA VAL E 56 -33.47 -14.88 5.59
C VAL E 56 -32.60 -14.35 4.45
N THR E 57 -32.89 -14.78 3.22
CA THR E 57 -32.06 -14.35 2.07
C THR E 57 -32.20 -12.84 1.88
N PHE E 58 -33.41 -12.30 2.03
CA PHE E 58 -33.58 -10.86 1.76
C PHE E 58 -32.81 -10.04 2.79
N VAL E 59 -33.03 -10.31 4.07
CA VAL E 59 -32.38 -9.44 5.10
C VAL E 59 -30.87 -9.67 5.13
N LEU E 60 -30.45 -10.94 5.18
CA LEU E 60 -29.00 -11.21 5.30
C LEU E 60 -28.34 -10.75 4.01
N GLY E 61 -28.99 -11.00 2.89
CA GLY E 61 -28.36 -10.63 1.62
C GLY E 61 -28.19 -9.14 1.51
N VAL E 62 -29.22 -8.36 1.83
CA VAL E 62 -29.11 -6.89 1.64
C VAL E 62 -28.06 -6.37 2.61
N LEU E 63 -28.07 -6.85 3.87
CA LEU E 63 -27.09 -6.28 4.82
C LEU E 63 -25.67 -6.71 4.44
N GLY E 64 -25.47 -8.00 4.20
CA GLY E 64 -24.11 -8.50 3.95
C GLY E 64 -23.52 -7.99 2.66
N ASN E 65 -24.30 -8.05 1.60
CA ASN E 65 -23.77 -7.61 0.29
C ASN E 65 -23.50 -6.12 0.35
N GLY E 66 -24.36 -5.41 1.07
CA GLY E 66 -24.14 -3.97 1.20
C GLY E 66 -22.78 -3.80 1.82
N LEU E 67 -22.49 -4.63 2.82
CA LEU E 67 -21.20 -4.47 3.51
C LEU E 67 -20.13 -4.71 2.43
N VAL E 68 -20.34 -5.72 1.60
CA VAL E 68 -19.27 -6.02 0.60
C VAL E 68 -19.14 -4.80 -0.29
N ILE E 69 -20.26 -4.26 -0.75
CA ILE E 69 -20.15 -3.14 -1.71
C ILE E 69 -19.49 -1.96 -1.00
N TRP E 70 -19.90 -1.68 0.23
CA TRP E 70 -19.38 -0.48 0.92
C TRP E 70 -17.90 -0.64 1.22
N VAL E 71 -17.53 -1.78 1.81
CA VAL E 71 -16.10 -1.92 2.22
C VAL E 71 -15.25 -2.13 0.98
N ALA E 72 -15.62 -3.07 0.11
CA ALA E 72 -14.74 -3.34 -1.03
C ALA E 72 -14.75 -2.17 -2.00
N GLY E 73 -15.93 -1.66 -2.31
CA GLY E 73 -16.04 -0.60 -3.33
C GLY E 73 -15.50 0.74 -2.88
N PHE E 74 -15.83 1.14 -1.66
CA PHE E 74 -15.44 2.50 -1.22
C PHE E 74 -14.22 2.44 -0.29
N ARG E 75 -14.31 1.68 0.79
CA ARG E 75 -13.22 1.66 1.80
C ARG E 75 -11.91 1.07 1.28
N MET E 76 -11.96 0.01 0.46
CA MET E 76 -10.71 -0.68 0.05
C MET E 76 -10.25 -0.26 -1.34
N THR E 77 -8.98 -0.52 -1.66
CA THR E 77 -8.43 -0.22 -3.00
C THR E 77 -8.96 -1.23 -4.01
N HIS E 78 -8.92 -0.86 -5.29
CA HIS E 78 -9.51 -1.76 -6.31
C HIS E 78 -8.47 -2.72 -6.88
N THR E 79 -8.45 -3.96 -6.38
CA THR E 79 -7.56 -4.99 -6.97
C THR E 79 -8.45 -5.91 -7.80
N VAL E 80 -7.86 -6.77 -8.62
CA VAL E 80 -8.71 -7.57 -9.55
C VAL E 80 -9.67 -8.42 -8.73
N THR E 81 -9.18 -8.99 -7.64
CA THR E 81 -10.03 -9.89 -6.83
C THR E 81 -11.19 -9.09 -6.24
N THR E 82 -10.91 -7.90 -5.71
CA THR E 82 -11.97 -7.12 -5.04
C THR E 82 -13.00 -6.59 -6.04
N ILE E 83 -12.58 -6.22 -7.25
CA ILE E 83 -13.57 -5.78 -8.26
C ILE E 83 -14.45 -6.95 -8.68
N SER E 84 -13.87 -8.16 -8.76
CA SER E 84 -14.69 -9.34 -9.08
C SER E 84 -15.71 -9.53 -7.96
N TYR E 85 -15.27 -9.37 -6.72
CA TYR E 85 -16.19 -9.50 -5.56
C TYR E 85 -17.25 -8.38 -5.59
N LEU E 86 -16.86 -7.18 -6.02
CA LEU E 86 -17.83 -6.06 -6.12
C LEU E 86 -18.89 -6.43 -7.16
N ASN E 87 -18.46 -7.00 -8.27
CA ASN E 87 -19.42 -7.33 -9.34
C ASN E 87 -20.39 -8.38 -8.80
N LEU E 88 -19.86 -9.39 -8.11
CA LEU E 88 -20.74 -10.43 -7.55
C LEU E 88 -21.63 -9.78 -6.51
N ALA E 89 -21.09 -8.83 -5.74
CA ALA E 89 -21.88 -8.21 -4.66
C ALA E 89 -23.06 -7.42 -5.22
N VAL E 90 -22.85 -6.62 -6.26
CA VAL E 90 -23.98 -5.88 -6.88
C VAL E 90 -24.94 -6.88 -7.52
N ALA E 91 -24.39 -7.94 -8.13
CA ALA E 91 -25.24 -8.93 -8.81
C ALA E 91 -26.16 -9.60 -7.79
N ASP E 92 -25.64 -9.93 -6.61
CA ASP E 92 -26.49 -10.67 -5.65
C ASP E 92 -27.10 -9.69 -4.66
N PHE E 93 -26.89 -8.39 -4.85
CA PHE E 93 -27.54 -7.40 -3.95
C PHE E 93 -28.79 -6.84 -4.60
N CYS E 94 -28.68 -6.50 -5.88
CA CYS E 94 -29.87 -5.98 -6.59
C CYS E 94 -30.93 -7.08 -6.61
N PHE E 95 -30.51 -8.33 -6.81
CA PHE E 95 -31.46 -9.45 -6.82
C PHE E 95 -32.12 -9.64 -5.46
N THR E 96 -31.36 -9.57 -4.38
CA THR E 96 -31.96 -9.70 -3.03
C THR E 96 -32.88 -8.51 -2.77
N SER E 97 -32.49 -7.33 -3.26
CA SER E 97 -33.39 -6.16 -3.10
C SER E 97 -34.68 -6.41 -3.87
N THR E 98 -34.60 -7.15 -4.96
CA THR E 98 -35.78 -7.49 -5.79
C THR E 98 -36.61 -8.59 -5.12
N LEU E 99 -36.05 -9.31 -4.16
CA LEU E 99 -36.76 -10.48 -3.57
C LEU E 99 -38.11 -10.12 -2.95
N PRO E 100 -38.34 -8.98 -2.26
CA PRO E 100 -39.64 -8.74 -1.63
C PRO E 100 -40.79 -8.89 -2.65
N PHE E 101 -40.54 -8.52 -3.90
CA PHE E 101 -41.59 -8.70 -4.93
C PHE E 101 -41.94 -10.19 -5.06
N PHE E 102 -40.94 -11.05 -5.04
CA PHE E 102 -41.20 -12.51 -5.11
C PHE E 102 -41.96 -12.96 -3.86
N MET E 103 -41.59 -12.47 -2.69
CA MET E 103 -42.28 -13.00 -1.49
C MET E 103 -43.74 -12.61 -1.59
N VAL E 104 -44.02 -11.38 -1.97
CA VAL E 104 -45.44 -10.92 -2.00
C VAL E 104 -46.18 -11.68 -3.09
N ARG E 105 -45.52 -11.94 -4.22
CA ARG E 105 -46.20 -12.60 -5.35
C ARG E 105 -46.62 -14.00 -4.94
N LYS E 106 -45.73 -14.71 -4.25
CA LYS E 106 -46.05 -16.07 -3.77
C LYS E 106 -47.15 -15.96 -2.73
N ALA E 107 -47.14 -14.87 -1.96
CA ALA E 107 -48.16 -14.68 -0.90
C ALA E 107 -49.56 -14.56 -1.50
N MET E 108 -49.68 -13.89 -2.64
CA MET E 108 -51.02 -13.59 -3.20
C MET E 108 -51.41 -14.62 -4.26
N GLY E 109 -50.81 -15.81 -4.21
CA GLY E 109 -51.24 -16.89 -5.13
C GLY E 109 -51.02 -16.56 -6.58
N GLY E 110 -49.92 -15.90 -6.89
CA GLY E 110 -49.59 -15.62 -8.31
C GLY E 110 -50.08 -14.26 -8.74
N HIS E 111 -50.81 -13.56 -7.88
CA HIS E 111 -51.23 -12.19 -8.23
C HIS E 111 -50.00 -11.28 -8.27
N TRP E 112 -49.81 -10.55 -9.36
CA TRP E 112 -48.70 -9.57 -9.41
C TRP E 112 -49.36 -8.20 -9.36
N PRO E 113 -49.54 -7.59 -8.19
CA PRO E 113 -50.31 -6.35 -8.12
C PRO E 113 -49.54 -5.11 -8.55
N PHE E 114 -48.23 -5.23 -8.68
CA PHE E 114 -47.42 -4.01 -8.93
C PHE E 114 -47.76 -3.32 -10.26
N GLY E 115 -47.90 -4.07 -11.34
CA GLY E 115 -48.13 -3.39 -12.62
C GLY E 115 -47.42 -4.05 -13.77
N TRP E 116 -47.14 -3.28 -14.82
CA TRP E 116 -46.44 -3.81 -16.02
C TRP E 116 -44.98 -3.43 -15.92
N PHE E 117 -44.67 -2.14 -15.73
CA PHE E 117 -43.25 -1.75 -15.72
C PHE E 117 -42.57 -2.43 -14.54
N LEU E 118 -43.25 -2.49 -13.41
CA LEU E 118 -42.60 -3.07 -12.22
C LEU E 118 -42.41 -4.59 -12.43
N CYS E 119 -43.24 -5.24 -13.26
CA CYS E 119 -42.99 -6.69 -13.50
C CYS E 119 -41.83 -6.79 -14.49
N LYS E 120 -41.81 -5.91 -15.48
CA LYS E 120 -40.72 -5.96 -16.48
C LYS E 120 -39.40 -5.70 -15.76
N PHE E 121 -39.34 -4.68 -14.91
CA PHE E 121 -38.06 -4.34 -14.22
C PHE E 121 -37.68 -5.45 -13.25
N VAL E 122 -38.63 -5.93 -12.45
CA VAL E 122 -38.25 -6.93 -11.41
C VAL E 122 -37.76 -8.18 -12.13
N PHE E 123 -38.54 -8.71 -13.05
CA PHE E 123 -38.11 -9.97 -13.68
C PHE E 123 -36.86 -9.66 -14.50
N THR E 124 -36.79 -8.51 -15.14
CA THR E 124 -35.54 -8.28 -15.92
C THR E 124 -34.35 -8.22 -14.98
N ILE E 125 -34.45 -7.51 -13.87
CA ILE E 125 -33.33 -7.42 -12.90
C ILE E 125 -33.06 -8.82 -12.36
N VAL E 126 -34.08 -9.59 -11.98
CA VAL E 126 -33.78 -10.92 -11.36
C VAL E 126 -32.94 -11.77 -12.33
N ASP E 127 -33.38 -11.92 -13.58
CA ASP E 127 -32.64 -12.79 -14.54
C ASP E 127 -31.24 -12.25 -14.83
N ILE E 128 -31.10 -10.94 -15.02
CA ILE E 128 -29.74 -10.35 -15.24
C ILE E 128 -28.87 -10.73 -14.05
N ASN E 129 -29.38 -10.51 -12.84
CA ASN E 129 -28.58 -10.76 -11.61
C ASN E 129 -28.32 -12.26 -11.43
N LEU E 130 -29.35 -13.10 -11.41
CA LEU E 130 -29.13 -14.52 -11.12
C LEU E 130 -28.16 -15.03 -12.16
N PHE E 131 -28.38 -14.71 -13.43
CA PHE E 131 -27.48 -15.30 -14.46
C PHE E 131 -26.08 -14.79 -14.18
N GLY E 132 -25.95 -13.52 -13.80
CA GLY E 132 -24.63 -12.97 -13.44
C GLY E 132 -24.09 -13.57 -12.16
N SER E 133 -24.93 -13.71 -11.14
CA SER E 133 -24.47 -14.22 -9.84
C SER E 133 -24.02 -15.63 -10.09
N VAL E 134 -24.22 -16.11 -11.31
CA VAL E 134 -23.63 -17.43 -11.64
C VAL E 134 -22.39 -17.31 -12.53
N PHE E 135 -22.43 -16.45 -13.55
CA PHE E 135 -21.26 -16.28 -14.45
C PHE E 135 -20.08 -15.68 -13.67
N LEU E 136 -20.36 -14.77 -12.74
CA LEU E 136 -19.29 -14.15 -11.93
C LEU E 136 -18.68 -15.18 -10.97
N ILE E 137 -19.47 -16.10 -10.44
CA ILE E 137 -18.90 -17.18 -9.59
C ILE E 137 -17.98 -18.02 -10.47
N ALA E 138 -18.41 -18.28 -11.70
CA ALA E 138 -17.56 -19.03 -12.64
C ALA E 138 -16.30 -18.25 -12.93
N LEU E 139 -16.42 -16.93 -13.11
CA LEU E 139 -15.24 -16.08 -13.44
C LEU E 139 -14.28 -16.04 -12.26
N ILE E 140 -14.81 -15.95 -11.04
CA ILE E 140 -13.95 -15.95 -9.84
C ILE E 140 -13.23 -17.30 -9.76
N ALA E 141 -13.93 -18.40 -10.06
CA ALA E 141 -13.29 -19.72 -10.02
C ALA E 141 -12.18 -19.78 -11.06
N LEU E 142 -12.45 -19.27 -12.25
CA LEU E 142 -11.44 -19.32 -13.33
C LEU E 142 -10.28 -18.40 -12.96
N ASP E 143 -10.56 -17.28 -12.30
CA ASP E 143 -9.49 -16.37 -11.86
C ASP E 143 -8.60 -17.07 -10.84
N ARG E 144 -9.20 -17.75 -9.87
CA ARG E 144 -8.42 -18.48 -8.84
C ARG E 144 -7.68 -19.63 -9.52
N CYS E 145 -8.26 -20.22 -10.55
CA CYS E 145 -7.55 -21.28 -11.30
C CYS E 145 -6.36 -20.73 -12.08
N VAL E 146 -6.53 -19.61 -12.78
CA VAL E 146 -5.44 -19.06 -13.64
C VAL E 146 -4.32 -18.49 -12.76
N CYS E 147 -4.66 -18.02 -11.56
CA CYS E 147 -3.65 -17.36 -10.70
C CYS E 147 -2.92 -18.42 -9.86
N VAL E 148 -3.26 -19.69 -10.00
CA VAL E 148 -2.50 -20.77 -9.29
C VAL E 148 -1.85 -21.68 -10.33
N LEU E 149 -2.60 -22.12 -11.33
CA LEU E 149 -2.03 -23.02 -12.37
C LEU E 149 -0.96 -22.30 -13.18
N HIS E 150 -1.19 -21.04 -13.55
CA HIS E 150 -0.22 -20.30 -14.40
C HIS E 150 0.14 -18.98 -13.71
N PRO E 151 1.09 -18.97 -12.76
CA PRO E 151 1.43 -17.77 -12.02
C PRO E 151 2.14 -16.70 -12.86
N VAL E 152 2.90 -17.13 -13.86
CA VAL E 152 3.65 -16.17 -14.71
C VAL E 152 2.65 -15.28 -15.43
N TRP E 153 1.61 -15.84 -16.03
CA TRP E 153 0.59 -15.04 -16.76
C TRP E 153 -0.10 -14.13 -15.79
N THR E 154 -0.48 -14.61 -14.63
CA THR E 154 -1.27 -13.76 -13.71
C THR E 154 -0.37 -12.63 -13.20
N GLN E 155 0.95 -12.84 -13.18
CA GLN E 155 1.85 -11.74 -12.80
C GLN E 155 1.94 -10.72 -13.92
N ASN E 156 2.18 -11.18 -15.14
CA ASN E 156 2.37 -10.25 -16.28
C ASN E 156 1.08 -9.58 -16.74
N HIS E 157 -0.03 -10.30 -16.86
CA HIS E 157 -1.24 -9.73 -17.52
C HIS E 157 -2.46 -9.50 -16.63
N ARG E 158 -2.49 -10.01 -15.41
CA ARG E 158 -3.73 -9.88 -14.60
C ARG E 158 -3.74 -8.52 -13.91
N THR E 159 -4.17 -7.50 -14.64
CA THR E 159 -4.18 -6.12 -14.10
C THR E 159 -5.63 -5.68 -13.95
N VAL E 160 -5.86 -4.60 -13.22
CA VAL E 160 -7.23 -4.09 -13.02
C VAL E 160 -7.82 -3.68 -14.38
N SER E 161 -7.01 -3.23 -15.31
CA SER E 161 -7.53 -2.88 -16.66
C SER E 161 -8.11 -4.10 -17.37
N LEU E 162 -7.39 -5.22 -17.40
CA LEU E 162 -7.89 -6.43 -18.07
C LEU E 162 -9.08 -6.93 -17.28
N ALA E 163 -9.01 -6.79 -15.96
CA ALA E 163 -10.11 -7.32 -15.12
C ALA E 163 -11.41 -6.61 -15.43
N LYS E 164 -11.39 -5.29 -15.53
CA LYS E 164 -12.61 -4.50 -15.84
C LYS E 164 -13.06 -4.77 -17.28
N LYS E 165 -12.13 -5.03 -18.17
CA LYS E 165 -12.54 -5.40 -19.55
C LYS E 165 -13.26 -6.75 -19.49
N VAL E 166 -12.74 -7.71 -18.72
CA VAL E 166 -13.35 -9.07 -18.63
C VAL E 166 -14.68 -9.04 -17.89
N ILE E 167 -14.80 -8.24 -16.83
CA ILE E 167 -16.03 -8.29 -15.97
C ILE E 167 -17.27 -7.87 -16.73
N ILE E 168 -17.16 -7.24 -17.90
CA ILE E 168 -18.37 -6.94 -18.70
C ILE E 168 -18.91 -8.23 -19.32
N GLY E 169 -18.05 -9.21 -19.58
CA GLY E 169 -18.48 -10.45 -20.28
C GLY E 169 -19.57 -11.18 -19.52
N PRO E 170 -19.45 -11.40 -18.19
CA PRO E 170 -20.55 -11.97 -17.44
C PRO E 170 -21.81 -11.09 -17.51
N TRP E 171 -21.67 -9.78 -17.37
CA TRP E 171 -22.84 -8.88 -17.48
C TRP E 171 -23.45 -8.86 -18.89
N VAL E 172 -22.62 -8.81 -19.92
CA VAL E 172 -23.13 -8.80 -21.32
C VAL E 172 -23.85 -10.12 -21.59
N MET E 173 -23.28 -11.23 -21.14
CA MET E 173 -23.96 -12.54 -21.31
C MET E 173 -25.27 -12.53 -20.52
N ALA E 174 -25.27 -11.96 -19.32
CA ALA E 174 -26.49 -11.98 -18.49
C ALA E 174 -27.57 -11.16 -19.18
N LEU E 175 -27.22 -10.03 -19.77
CA LEU E 175 -28.20 -9.15 -20.47
C LEU E 175 -28.75 -9.79 -21.75
N LEU E 176 -27.92 -10.48 -22.53
CA LEU E 176 -28.38 -11.07 -23.81
C LEU E 176 -29.28 -12.28 -23.55
N LEU E 177 -29.09 -12.96 -22.42
CA LEU E 177 -29.90 -14.16 -22.11
C LEU E 177 -31.11 -13.70 -21.31
N THR E 178 -31.15 -12.43 -20.92
CA THR E 178 -32.35 -11.91 -20.22
C THR E 178 -33.30 -11.25 -21.22
N LEU E 179 -32.92 -11.19 -22.50
CA LEU E 179 -33.77 -10.54 -23.53
C LEU E 179 -35.12 -11.26 -23.63
N PRO E 180 -35.25 -12.60 -23.52
CA PRO E 180 -36.57 -13.19 -23.56
C PRO E 180 -37.42 -12.57 -22.44
N VAL E 181 -36.86 -12.33 -21.27
CA VAL E 181 -37.72 -11.68 -20.25
C VAL E 181 -38.11 -10.30 -20.75
N ILE E 182 -37.14 -9.46 -21.09
CA ILE E 182 -37.48 -8.05 -21.46
C ILE E 182 -38.41 -7.97 -22.68
N ILE E 183 -38.27 -8.85 -23.68
CA ILE E 183 -39.08 -8.69 -24.92
C ILE E 183 -40.36 -9.53 -24.89
N ARG E 184 -40.62 -10.32 -23.85
CA ARG E 184 -41.83 -11.19 -23.92
C ARG E 184 -42.59 -11.20 -22.59
N VAL E 185 -41.88 -11.18 -21.47
CA VAL E 185 -42.51 -11.19 -20.12
C VAL E 185 -43.46 -10.01 -20.05
N THR E 186 -44.70 -10.25 -19.59
CA THR E 186 -45.72 -9.18 -19.53
C THR E 186 -46.75 -9.55 -18.48
N THR E 187 -47.44 -8.56 -17.96
CA THR E 187 -48.52 -8.87 -17.00
C THR E 187 -49.69 -9.35 -17.86
N VAL E 188 -50.18 -10.55 -17.58
CA VAL E 188 -51.28 -11.13 -18.41
C VAL E 188 -52.51 -11.23 -17.52
N PRO E 189 -53.67 -10.74 -17.99
CA PRO E 189 -54.87 -10.78 -17.18
C PRO E 189 -55.40 -12.19 -17.01
N GLY E 190 -56.13 -12.42 -15.92
CA GLY E 190 -56.75 -13.73 -15.71
C GLY E 190 -58.25 -13.60 -15.59
N LYS E 191 -58.99 -14.53 -16.18
CA LYS E 191 -60.47 -14.48 -16.14
C LYS E 191 -60.93 -14.83 -14.73
N THR E 192 -60.02 -15.29 -13.87
CA THR E 192 -60.41 -15.75 -12.52
C THR E 192 -60.41 -14.59 -11.51
N GLY E 193 -60.15 -13.36 -11.96
CA GLY E 193 -60.07 -12.24 -11.01
C GLY E 193 -58.65 -12.00 -10.53
N THR E 194 -57.65 -12.60 -11.20
CA THR E 194 -56.24 -12.48 -10.75
C THR E 194 -55.36 -12.09 -11.94
N VAL E 195 -54.21 -11.46 -11.68
CA VAL E 195 -53.25 -11.08 -12.77
C VAL E 195 -51.95 -11.86 -12.59
N ALA E 196 -51.25 -12.23 -13.68
CA ALA E 196 -50.06 -13.10 -13.55
C ALA E 196 -48.88 -12.56 -14.37
N CYS E 197 -47.64 -12.96 -14.04
CA CYS E 197 -46.46 -12.41 -14.77
C CYS E 197 -45.99 -13.43 -15.80
N THR E 198 -46.86 -14.36 -16.18
CA THR E 198 -46.44 -15.44 -17.11
C THR E 198 -45.98 -14.85 -18.44
N PHE E 199 -44.96 -15.45 -19.01
CA PHE E 199 -44.44 -15.01 -20.33
C PHE E 199 -45.58 -15.06 -21.34
N ASN E 200 -45.71 -14.04 -22.18
CA ASN E 200 -46.71 -14.09 -23.28
C ASN E 200 -45.93 -14.09 -24.59
N PHE E 201 -46.12 -15.13 -25.40
CA PHE E 201 -45.32 -15.24 -26.65
C PHE E 201 -46.26 -15.07 -27.85
N SER E 202 -45.80 -14.38 -28.89
CA SER E 202 -46.61 -14.17 -30.11
C SER E 202 -48.03 -13.77 -29.71
N PRO E 203 -48.24 -12.62 -29.03
CA PRO E 203 -49.57 -12.17 -28.71
C PRO E 203 -50.26 -11.99 -30.06
N TRP E 204 -49.46 -11.87 -31.13
CA TRP E 204 -50.00 -11.69 -32.50
C TRP E 204 -50.91 -12.88 -32.81
N THR E 205 -50.49 -14.09 -32.44
CA THR E 205 -51.40 -15.23 -32.63
C THR E 205 -52.18 -15.43 -31.33
N ASN E 206 -53.51 -15.29 -31.38
CA ASN E 206 -54.34 -15.39 -30.15
C ASN E 206 -54.99 -16.77 -30.10
N ASP E 207 -54.60 -17.66 -31.03
CA ASP E 207 -55.20 -19.02 -31.08
C ASP E 207 -54.96 -19.74 -29.75
N PRO E 208 -55.98 -20.09 -28.92
CA PRO E 208 -55.69 -20.72 -27.63
C PRO E 208 -54.74 -21.87 -27.89
N LYS E 209 -55.05 -22.70 -28.89
CA LYS E 209 -54.23 -23.91 -29.12
C LYS E 209 -52.81 -23.50 -29.46
N GLU E 210 -52.67 -22.54 -30.37
CA GLU E 210 -51.31 -22.19 -30.82
C GLU E 210 -50.52 -21.60 -29.65
N ARG E 211 -51.17 -20.84 -28.77
CA ARG E 211 -50.39 -20.19 -27.70
C ARG E 211 -49.71 -21.30 -26.89
N ILE E 212 -50.43 -22.36 -26.53
CA ILE E 212 -49.77 -23.38 -25.66
C ILE E 212 -48.64 -23.99 -26.48
N ASN E 213 -48.89 -24.29 -27.75
CA ASN E 213 -47.85 -24.96 -28.57
C ASN E 213 -46.63 -24.05 -28.72
N VAL E 214 -46.87 -22.76 -28.95
CA VAL E 214 -45.74 -21.79 -29.10
C VAL E 214 -44.98 -21.73 -27.78
N ALA E 215 -45.70 -21.66 -26.66
CA ALA E 215 -45.01 -21.50 -25.36
C ALA E 215 -44.15 -22.72 -25.09
N VAL E 216 -44.68 -23.91 -25.33
CA VAL E 216 -43.89 -25.13 -24.98
C VAL E 216 -42.56 -24.96 -25.70
N ALA E 217 -42.59 -24.51 -26.93
CA ALA E 217 -41.32 -24.48 -27.67
C ALA E 217 -40.44 -23.39 -27.09
N MET E 218 -40.97 -22.17 -26.93
CA MET E 218 -40.09 -21.09 -26.45
C MET E 218 -39.52 -21.48 -25.08
N LEU E 219 -40.35 -22.05 -24.21
CA LEU E 219 -39.88 -22.34 -22.83
C LEU E 219 -38.89 -23.51 -22.84
N THR E 220 -38.99 -24.44 -23.79
CA THR E 220 -37.95 -25.49 -23.84
C THR E 220 -36.61 -24.84 -24.14
N VAL E 221 -36.60 -23.85 -25.03
CA VAL E 221 -35.32 -23.21 -25.40
C VAL E 221 -34.75 -22.59 -24.14
N ARG E 222 -35.59 -21.91 -23.36
CA ARG E 222 -35.15 -21.27 -22.10
C ARG E 222 -34.58 -22.34 -21.16
N GLY E 223 -35.22 -23.51 -21.12
CA GLY E 223 -34.75 -24.60 -20.25
C GLY E 223 -33.41 -25.14 -20.67
N ILE E 224 -33.20 -25.38 -21.97
CA ILE E 224 -31.91 -25.97 -22.37
C ILE E 224 -30.85 -24.93 -22.03
N ILE E 225 -31.14 -23.66 -22.32
CA ILE E 225 -30.14 -22.58 -22.04
C ILE E 225 -29.95 -22.51 -20.52
N ARG E 226 -30.96 -22.86 -19.73
CA ARG E 226 -30.75 -22.89 -18.27
C ARG E 226 -29.79 -24.02 -17.87
N PHE E 227 -29.89 -25.22 -18.48
CA PHE E 227 -29.05 -26.35 -18.02
C PHE E 227 -27.82 -26.52 -18.89
N ILE E 228 -27.59 -25.65 -19.87
CA ILE E 228 -26.30 -25.75 -20.62
C ILE E 228 -25.52 -24.45 -20.61
N ILE E 229 -26.07 -23.38 -20.03
CA ILE E 229 -25.29 -22.10 -19.92
C ILE E 229 -25.34 -21.58 -18.49
N GLY E 230 -26.46 -21.68 -17.80
CA GLY E 230 -26.49 -21.13 -16.43
C GLY E 230 -26.18 -22.13 -15.34
N PHE E 231 -26.19 -23.43 -15.64
CA PHE E 231 -25.78 -24.39 -14.59
C PHE E 231 -24.62 -25.26 -15.06
N SER E 232 -24.76 -25.92 -16.21
CA SER E 232 -23.71 -26.85 -16.67
C SER E 232 -22.40 -26.09 -16.91
N ALA E 233 -22.43 -24.98 -17.62
CA ALA E 233 -21.16 -24.29 -17.92
C ALA E 233 -20.54 -23.68 -16.66
N PRO E 234 -21.26 -22.94 -15.80
CA PRO E 234 -20.66 -22.42 -14.58
C PRO E 234 -20.27 -23.52 -13.58
N MET E 235 -21.10 -24.55 -13.44
CA MET E 235 -20.72 -25.66 -12.53
C MET E 235 -19.48 -26.35 -13.09
N SER E 236 -19.41 -26.54 -14.39
CA SER E 236 -18.22 -27.21 -14.97
C SER E 236 -17.00 -26.33 -14.71
N ILE E 237 -17.11 -25.02 -14.91
CA ILE E 237 -15.92 -24.15 -14.74
C ILE E 237 -15.53 -24.18 -13.26
N VAL E 238 -16.51 -24.09 -12.35
CA VAL E 238 -16.17 -24.05 -10.91
C VAL E 238 -15.55 -25.38 -10.51
N ALA E 239 -16.13 -26.50 -10.96
CA ALA E 239 -15.60 -27.82 -10.56
C ALA E 239 -14.21 -28.01 -11.13
N VAL E 240 -14.02 -27.70 -12.40
CA VAL E 240 -12.69 -27.92 -13.03
C VAL E 240 -11.69 -27.00 -12.35
N SER E 241 -12.05 -25.73 -12.12
CA SER E 241 -11.08 -24.78 -11.54
C SER E 241 -10.71 -25.17 -10.12
N TYR E 242 -11.70 -25.49 -9.31
CA TYR E 242 -11.43 -25.77 -7.88
C TYR E 242 -10.84 -27.17 -7.74
N GLY E 243 -10.96 -27.98 -8.77
CA GLY E 243 -10.30 -29.30 -8.71
C GLY E 243 -8.86 -29.18 -9.11
N LEU E 244 -8.61 -28.37 -10.14
CA LEU E 244 -7.23 -28.23 -10.65
C LEU E 244 -6.37 -27.48 -9.63
N ILE E 245 -6.90 -26.42 -9.02
CA ILE E 245 -6.10 -25.71 -8.00
C ILE E 245 -5.93 -26.57 -6.76
N ALA E 246 -6.95 -27.31 -6.36
CA ALA E 246 -6.78 -28.22 -5.21
C ALA E 246 -5.72 -29.28 -5.56
N THR E 247 -5.77 -29.79 -6.78
CA THR E 247 -4.80 -30.82 -7.22
C THR E 247 -3.39 -30.24 -7.17
N LYS E 248 -3.21 -29.03 -7.66
CA LYS E 248 -1.86 -28.42 -7.69
C LYS E 248 -1.39 -28.13 -6.27
N ILE E 249 -2.25 -27.56 -5.44
CA ILE E 249 -1.77 -27.15 -4.09
C ILE E 249 -1.57 -28.40 -3.23
N HIS E 250 -2.08 -29.54 -3.68
CA HIS E 250 -1.81 -30.79 -2.93
C HIS E 250 -0.56 -31.46 -3.47
N LYS E 251 -0.43 -31.52 -4.80
CA LYS E 251 0.80 -32.11 -5.41
C LYS E 251 2.01 -31.27 -5.08
N GLN E 252 1.91 -29.94 -5.22
CA GLN E 252 3.05 -29.04 -4.87
C GLN E 252 3.29 -29.08 -3.36
N GLY E 253 2.21 -29.20 -2.59
CA GLY E 253 2.34 -29.21 -1.13
C GLY E 253 2.69 -27.84 -0.62
N LEU E 254 2.43 -26.83 -1.44
CA LEU E 254 2.81 -25.44 -1.07
C LEU E 254 2.05 -25.01 0.20
N ILE E 255 0.81 -25.47 0.35
CA ILE E 255 -0.01 -25.04 1.52
C ILE E 255 0.51 -25.72 2.78
N LYS E 256 0.26 -25.11 3.94
CA LYS E 256 0.64 -25.74 5.22
C LYS E 256 -0.64 -26.19 5.93
N SER E 257 -1.66 -25.34 5.87
CA SER E 257 -2.95 -25.66 6.53
C SER E 257 -3.92 -26.23 5.51
N SER E 258 -5.00 -26.86 5.98
CA SER E 258 -6.02 -27.42 5.06
C SER E 258 -7.02 -26.32 4.72
N ARG E 259 -6.80 -25.10 5.22
CA ARG E 259 -7.78 -24.00 5.02
C ARG E 259 -7.99 -23.72 3.52
N PRO E 260 -6.98 -23.69 2.64
CA PRO E 260 -7.27 -23.52 1.23
C PRO E 260 -8.16 -24.62 0.68
N LEU E 261 -7.90 -25.89 1.00
CA LEU E 261 -8.74 -27.00 0.52
C LEU E 261 -10.14 -26.84 1.12
N ARG E 262 -10.21 -26.46 2.40
CA ARG E 262 -11.51 -26.35 3.08
C ARG E 262 -12.34 -25.26 2.43
N VAL E 263 -11.72 -24.13 2.12
CA VAL E 263 -12.46 -22.99 1.50
C VAL E 263 -12.92 -23.35 0.10
N LEU E 264 -12.05 -24.02 -0.66
CA LEU E 264 -12.44 -24.43 -2.02
C LEU E 264 -13.64 -25.37 -1.93
N SER E 265 -13.61 -26.32 -1.01
CA SER E 265 -14.74 -27.26 -0.87
C SER E 265 -15.99 -26.51 -0.41
N PHE E 266 -15.86 -25.62 0.57
CA PHE E 266 -17.05 -24.96 1.15
C PHE E 266 -17.63 -23.95 0.17
N VAL E 267 -16.89 -23.62 -0.90
CA VAL E 267 -17.44 -22.70 -1.93
C VAL E 267 -18.05 -23.50 -3.07
N ALA E 268 -17.32 -24.48 -3.59
CA ALA E 268 -17.82 -25.25 -4.75
C ALA E 268 -19.04 -26.04 -4.32
N ALA E 269 -18.98 -26.66 -3.14
CA ALA E 269 -20.10 -27.50 -2.67
C ALA E 269 -21.31 -26.62 -2.39
N ALA E 270 -21.06 -25.43 -1.84
CA ALA E 270 -22.18 -24.52 -1.53
C ALA E 270 -22.88 -24.13 -2.83
N PHE E 271 -22.10 -23.81 -3.86
CA PHE E 271 -22.70 -23.39 -5.15
C PHE E 271 -23.47 -24.57 -5.74
N PHE E 272 -22.90 -25.77 -5.68
CA PHE E 272 -23.59 -26.97 -6.21
C PHE E 272 -24.83 -27.28 -5.39
N LEU E 273 -24.75 -27.16 -4.07
CA LEU E 273 -25.90 -27.53 -3.20
C LEU E 273 -27.06 -26.54 -3.42
N CYS E 274 -26.76 -25.26 -3.53
CA CYS E 274 -27.83 -24.24 -3.69
C CYS E 274 -28.48 -24.30 -5.08
N TRP E 275 -27.70 -24.52 -6.13
CA TRP E 275 -28.27 -24.43 -7.49
C TRP E 275 -28.62 -25.79 -8.09
N SER E 276 -28.02 -26.86 -7.58
CA SER E 276 -28.35 -28.15 -8.22
C SER E 276 -29.81 -28.47 -8.02
N PRO E 277 -30.40 -28.40 -6.80
CA PRO E 277 -31.83 -28.63 -6.69
C PRO E 277 -32.66 -27.89 -7.73
N TYR E 278 -32.62 -26.56 -7.74
CA TYR E 278 -33.52 -25.81 -8.66
C TYR E 278 -33.24 -26.19 -10.10
N GLN E 279 -31.97 -26.23 -10.52
CA GLN E 279 -31.72 -26.50 -11.96
C GLN E 279 -32.23 -27.89 -12.29
N VAL E 280 -32.10 -28.83 -11.35
CA VAL E 280 -32.64 -30.19 -11.61
C VAL E 280 -34.15 -30.09 -11.79
N VAL E 281 -34.87 -29.54 -10.81
CA VAL E 281 -36.35 -29.50 -10.89
C VAL E 281 -36.72 -28.78 -12.18
N ALA E 282 -36.01 -27.71 -12.50
CA ALA E 282 -36.38 -26.90 -13.66
C ALA E 282 -36.24 -27.78 -14.89
N LEU E 283 -35.21 -28.61 -14.93
CA LEU E 283 -35.07 -29.40 -16.17
C LEU E 283 -36.23 -30.39 -16.20
N ILE E 284 -36.59 -31.02 -15.08
CA ILE E 284 -37.69 -32.01 -15.25
C ILE E 284 -38.93 -31.22 -15.70
N ALA E 285 -39.10 -30.03 -15.16
CA ALA E 285 -40.25 -29.20 -15.55
C ALA E 285 -40.15 -28.81 -17.02
N THR E 286 -38.96 -28.49 -17.50
CA THR E 286 -38.89 -28.02 -18.90
C THR E 286 -38.99 -29.22 -19.83
N VAL E 287 -38.87 -30.42 -19.29
CA VAL E 287 -39.09 -31.60 -20.17
C VAL E 287 -40.53 -32.05 -19.94
N ARG E 288 -41.26 -31.37 -19.06
CA ARG E 288 -42.69 -31.69 -18.87
C ARG E 288 -43.54 -30.41 -18.97
N ILE E 289 -43.06 -29.43 -19.74
CA ILE E 289 -43.78 -28.12 -19.78
C ILE E 289 -45.17 -28.26 -20.39
N ARG E 290 -45.34 -29.07 -21.43
CA ARG E 290 -46.65 -29.07 -22.10
C ARG E 290 -47.67 -29.38 -21.02
N GLU E 291 -47.37 -30.38 -20.22
CA GLU E 291 -48.34 -30.80 -19.17
C GLU E 291 -48.42 -29.77 -18.05
N LEU E 292 -47.41 -28.90 -17.91
CA LEU E 292 -47.45 -27.97 -16.76
C LEU E 292 -48.30 -26.77 -17.13
N LEU E 293 -48.35 -26.43 -18.42
CA LEU E 293 -49.08 -25.22 -18.86
C LEU E 293 -50.60 -25.44 -18.75
N GLN E 294 -51.05 -26.66 -18.46
CA GLN E 294 -52.51 -26.84 -18.20
C GLN E 294 -52.79 -26.90 -16.69
N GLY E 295 -51.76 -26.87 -15.87
CA GLY E 295 -51.98 -26.98 -14.42
C GLY E 295 -52.08 -28.41 -13.91
N MET E 296 -51.90 -29.39 -14.78
CA MET E 296 -52.09 -30.81 -14.35
C MET E 296 -51.04 -31.25 -13.31
N TYR E 297 -49.76 -30.92 -13.51
CA TYR E 297 -48.72 -31.43 -12.57
C TYR E 297 -48.57 -30.42 -11.44
N LYS E 298 -49.43 -30.51 -10.44
CA LYS E 298 -49.40 -29.51 -9.33
C LYS E 298 -48.08 -29.61 -8.57
N GLU E 299 -47.51 -30.81 -8.51
CA GLU E 299 -46.30 -31.00 -7.67
C GLU E 299 -45.12 -30.12 -8.06
N ILE E 300 -44.82 -30.05 -9.36
CA ILE E 300 -43.61 -29.28 -9.75
C ILE E 300 -43.88 -27.85 -9.30
N GLY E 301 -45.14 -27.44 -9.37
CA GLY E 301 -45.45 -26.07 -9.00
C GLY E 301 -44.77 -25.78 -7.67
N ILE E 302 -44.89 -26.65 -6.67
CA ILE E 302 -44.25 -26.28 -5.38
C ILE E 302 -42.80 -26.72 -5.40
N ALA E 303 -42.45 -27.66 -6.27
CA ALA E 303 -41.04 -28.06 -6.38
C ALA E 303 -40.25 -26.85 -6.87
N VAL E 304 -40.74 -26.19 -7.91
CA VAL E 304 -39.99 -25.05 -8.51
C VAL E 304 -39.89 -24.00 -7.41
N ASP E 305 -40.96 -23.84 -6.63
CA ASP E 305 -40.95 -22.77 -5.61
C ASP E 305 -39.94 -23.04 -4.50
N VAL E 306 -39.99 -24.19 -3.82
CA VAL E 306 -39.08 -24.37 -2.65
C VAL E 306 -37.64 -24.39 -3.14
N THR E 307 -37.37 -25.10 -4.23
CA THR E 307 -35.98 -25.25 -4.70
C THR E 307 -35.42 -23.91 -5.18
N SER E 308 -36.25 -23.12 -5.83
CA SER E 308 -35.78 -21.80 -6.33
C SER E 308 -35.38 -20.95 -5.13
N ALA E 309 -36.08 -21.11 -4.01
CA ALA E 309 -35.67 -20.37 -2.79
C ALA E 309 -34.28 -20.83 -2.37
N LEU E 310 -33.99 -22.13 -2.47
CA LEU E 310 -32.64 -22.63 -2.14
C LEU E 310 -31.63 -22.02 -3.11
N ALA E 311 -32.01 -21.88 -4.38
CA ALA E 311 -31.09 -21.29 -5.38
C ALA E 311 -30.81 -19.84 -4.98
N PHE E 312 -31.84 -19.15 -4.51
CA PHE E 312 -31.68 -17.72 -4.15
C PHE E 312 -30.84 -17.60 -2.88
N PHE E 313 -30.83 -18.65 -2.07
CA PHE E 313 -30.08 -18.61 -0.79
C PHE E 313 -28.59 -18.41 -1.11
N ASN E 314 -28.14 -18.93 -2.24
CA ASN E 314 -26.73 -18.78 -2.64
C ASN E 314 -26.42 -17.29 -2.77
N SER E 315 -27.37 -16.51 -3.25
CA SER E 315 -27.09 -15.07 -3.49
C SER E 315 -26.75 -14.37 -2.17
N CYS E 316 -27.47 -14.69 -1.10
CA CYS E 316 -27.13 -14.11 0.24
C CYS E 316 -25.85 -14.72 0.80
N LEU E 317 -25.62 -16.02 0.58
CA LEU E 317 -24.43 -16.63 1.22
C LEU E 317 -23.13 -16.36 0.44
N ASN E 318 -23.20 -15.83 -0.78
CA ASN E 318 -21.94 -15.49 -1.50
C ASN E 318 -21.15 -14.43 -0.72
N PRO E 319 -21.74 -13.35 -0.20
CA PRO E 319 -20.98 -12.42 0.64
C PRO E 319 -20.45 -13.14 1.88
N MET E 320 -21.21 -14.08 2.43
CA MET E 320 -20.78 -14.83 3.63
C MET E 320 -19.60 -15.72 3.28
N LEU E 321 -19.43 -16.09 2.01
CA LEU E 321 -18.44 -17.13 1.65
C LEU E 321 -17.28 -16.64 0.78
N TYR E 322 -17.31 -15.42 0.25
CA TYR E 322 -16.15 -14.94 -0.54
C TYR E 322 -15.37 -13.84 0.17
N VAL E 323 -16.04 -12.86 0.78
CA VAL E 323 -15.29 -11.72 1.36
C VAL E 323 -15.10 -11.80 2.87
N PHE E 324 -16.04 -12.41 3.59
CA PHE E 324 -15.93 -12.38 5.07
C PHE E 324 -15.09 -13.56 5.54
N MET E 325 -14.62 -14.41 4.64
CA MET E 325 -13.67 -15.46 5.06
C MET E 325 -12.29 -14.96 4.69
N GLY E 326 -12.22 -13.71 4.23
CA GLY E 326 -10.90 -13.12 3.99
C GLY E 326 -10.59 -12.20 5.16
N GLN E 327 -9.47 -12.43 5.84
CA GLN E 327 -9.12 -11.62 7.04
C GLN E 327 -8.90 -10.17 6.62
N ASP E 328 -8.38 -9.95 5.41
CA ASP E 328 -8.09 -8.55 5.02
C ASP E 328 -9.42 -7.81 5.04
N PHE E 329 -10.46 -8.40 4.44
CA PHE E 329 -11.81 -7.78 4.46
C PHE E 329 -12.36 -7.78 5.88
N ARG E 330 -12.11 -8.86 6.62
CA ARG E 330 -12.70 -8.93 7.98
C ARG E 330 -12.11 -7.81 8.85
N GLU E 331 -10.80 -7.60 8.75
CA GLU E 331 -10.18 -6.49 9.51
C GLU E 331 -10.67 -5.16 8.96
N ARG E 332 -10.78 -5.05 7.65
CA ARG E 332 -11.16 -3.75 7.03
C ARG E 332 -12.57 -3.38 7.50
N LEU E 333 -13.46 -4.36 7.60
CA LEU E 333 -14.87 -4.03 7.96
C LEU E 333 -14.93 -3.45 9.37
N ILE E 334 -14.27 -4.11 10.33
CA ILE E 334 -14.38 -3.64 11.74
C ILE E 334 -13.72 -2.26 11.83
N HIS E 335 -12.58 -2.08 11.16
CA HIS E 335 -11.85 -0.79 11.17
C HIS E 335 -12.59 0.27 10.35
N ALA E 336 -13.47 -0.15 9.42
CA ALA E 336 -14.17 0.81 8.55
C ALA E 336 -15.10 1.70 9.38
N LEU E 337 -15.83 1.11 10.33
CA LEU E 337 -16.81 1.89 11.14
C LEU E 337 -16.08 2.99 11.90
C1 PLM F . -4.17 -11.85 -23.05
O1 PLM F . -3.07 -12.35 -22.76
O2 PLM F . -4.29 -10.86 -23.80
C2 PLM F . -5.42 -12.46 -22.46
C3 PLM F . -6.38 -13.03 -23.45
C4 PLM F . -7.56 -13.71 -22.80
C5 PLM F . -8.39 -12.81 -21.92
C6 PLM F . -9.50 -13.52 -21.20
C7 PLM F . -10.36 -14.38 -22.08
C8 PLM F . -11.44 -15.11 -21.35
C9 PLM F . -12.29 -14.22 -20.48
CA PLM F . -13.35 -14.95 -19.71
CB PLM F . -14.58 -15.33 -20.50
CC PLM F . -15.87 -15.21 -19.74
CD PLM F . -15.88 -15.93 -18.41
CE PLM F . -16.14 -17.41 -18.51
CF PLM F . -17.59 -17.77 -18.69
CG PLM F . -18.46 -17.35 -17.53
C1 PLM G . -11.44 -11.02 -13.23
O1 PLM G . -11.95 -9.91 -13.00
O2 PLM G . -11.47 -11.98 -12.43
C2 PLM G . -10.73 -11.21 -14.55
C3 PLM G . -9.28 -11.55 -14.45
C4 PLM G . -8.89 -12.70 -15.34
C5 PLM G . -9.63 -13.97 -15.04
C6 PLM G . -9.81 -14.87 -16.23
C7 PLM G . -8.55 -15.16 -16.98
C8 PLM G . -8.79 -15.81 -18.31
C9 PLM G . -7.54 -16.03 -19.13
CA PLM G . -6.80 -17.28 -18.77
CB PLM G . -5.57 -17.52 -19.61
CC PLM G . -4.95 -18.88 -19.42
CD PLM G . -4.01 -19.29 -20.52
CE PLM G . -2.83 -18.37 -20.70
CF PLM G . -1.89 -18.85 -21.78
CG PLM G . -0.70 -17.96 -21.99
#